data_5GY0
#
_entry.id   5GY0
#
_cell.length_a   108.023
_cell.length_b   108.797
_cell.length_c   139.378
_cell.angle_alpha   90.00
_cell.angle_beta   90.00
_cell.angle_gamma   90.00
#
_symmetry.space_group_name_H-M   'P 21 21 21'
#
loop_
_entity.id
_entity.type
_entity.pdbx_description
1 polymer Glucanase
2 branched beta-D-glucopyranose-(1-4)-beta-D-glucopyranose-(1-4)-beta-D-glucopyranose-(1-4)-beta-D-glucopyranose
3 non-polymer 'CALCIUM ION'
4 non-polymer 'CHLORIDE ION'
5 non-polymer 'BROMIDE ION'
6 non-polymer 'TETRAETHYLENE GLYCOL'
7 water water
#
_entity_poly.entity_id   1
_entity_poly.type   'polypeptide(L)'
_entity_poly.pdbx_seq_one_letter_code
;MAGSYNYAEALQKAIYFYECQQAGPLPEWNRVEWRGDATMNDEVLGGWYDAGDHVKFNLPMAYSAAMLGWALYEYGDDIE
ASGQRLHLERNLAFALDYLVACDRGDSVVYQIGDGAADHKWWGSAEVIEKEMTRPYFVGKGSAVVGQMAAALAVGSIVLK
NDTYLRYAKKYFELADATRSDSTYTAANGFYSSHSGFWDELLWASTWLYLATGDRNYLDKAESYTPKLNRQNQTTDIEYQ
WAHCWDDCHYGAMILLARATGKEEYHKFAQMHLDWWTPQGYNGKRVAYTPGGLAHLDTWGPLRYATTEAFLAFVYADSIN
DPALKQKYYNFAKSQIDYALGSNPDNRSYVVGFGNNPPQRPHHRTAHGTWLDKRDIPEKHRHVLYGALVGGPGRDDSYED
NIEDYVKNAVACDYNAGFVGALCRLTAEYGGTPLANFPPPEQRDDEFFVEAAINQASDHFTEIKALLNNRSSWPARLIKD
LSYNYYMDLTEVFEAGYSVDDIKVTIGYCESGMDVEISPITHLYDNIYYIKISYIDGTNICPIGQEQYAAELQFRIAAPQ
GTKFWDPTNDFSYQGLTRELAKTKYMPVFDGATKIFGEVPGGLEHHHHHH
;
_entity_poly.pdbx_strand_id   A,B
#
# COMPACT_ATOMS: atom_id res chain seq x y z
N SER A 4 -24.25 -40.37 36.70
CA SER A 4 -24.33 -38.89 36.83
C SER A 4 -24.48 -38.16 35.50
N TYR A 5 -23.77 -38.67 34.48
CA TYR A 5 -23.77 -38.12 33.13
C TYR A 5 -23.86 -39.33 32.23
N ASN A 6 -24.15 -39.12 30.96
CA ASN A 6 -24.10 -40.23 30.03
C ASN A 6 -22.63 -40.37 29.64
N TYR A 7 -21.91 -41.19 30.39
CA TYR A 7 -20.48 -41.35 30.17
C TYR A 7 -20.18 -42.02 28.84
N ALA A 8 -21.11 -42.86 28.37
CA ALA A 8 -20.94 -43.48 27.06
C ALA A 8 -20.91 -42.43 25.95
N GLU A 9 -21.84 -41.48 25.97
CA GLU A 9 -21.85 -40.38 25.00
C GLU A 9 -20.59 -39.51 25.11
N ALA A 10 -20.17 -39.23 26.34
CA ALA A 10 -18.94 -38.46 26.57
C ALA A 10 -17.74 -39.19 25.95
N LEU A 11 -17.68 -40.49 26.17
CA LEU A 11 -16.58 -41.30 25.63
C LEU A 11 -16.62 -41.28 24.11
N GLN A 12 -17.81 -41.48 23.55
CA GLN A 12 -18.05 -41.44 22.10
C GLN A 12 -17.49 -40.14 21.51
N LYS A 13 -17.81 -39.02 22.15
CA LYS A 13 -17.37 -37.72 21.65
C LYS A 13 -15.87 -37.49 21.87
N ALA A 14 -15.35 -37.90 23.01
CA ALA A 14 -13.92 -37.72 23.33
C ALA A 14 -13.02 -38.49 22.39
N ILE A 15 -13.53 -39.61 21.85
CA ILE A 15 -12.75 -40.34 20.85
C ILE A 15 -12.83 -39.63 19.49
N TYR A 16 -14.03 -39.17 19.14
CA TYR A 16 -14.23 -38.47 17.88
C TYR A 16 -13.31 -37.26 17.73
N PHE A 17 -13.00 -36.60 18.86
CA PHE A 17 -12.06 -35.48 18.83
C PHE A 17 -10.79 -35.83 18.03
N TYR A 18 -10.27 -37.04 18.24
CA TYR A 18 -9.04 -37.41 17.55
C TYR A 18 -9.19 -37.43 16.02
N GLU A 19 -10.37 -37.75 15.52
CA GLU A 19 -10.56 -37.70 14.06
C GLU A 19 -10.52 -36.26 13.55
N CYS A 20 -10.91 -35.31 14.40
CA CYS A 20 -10.81 -33.90 14.03
C CYS A 20 -9.35 -33.46 13.90
N GLN A 21 -8.45 -34.17 14.60
CA GLN A 21 -7.03 -33.84 14.62
C GLN A 21 -6.20 -34.54 13.54
N GLN A 22 -6.80 -35.42 12.75
CA GLN A 22 -5.96 -36.25 11.87
C GLN A 22 -5.35 -35.46 10.73
N ALA A 23 -4.06 -35.65 10.52
CA ALA A 23 -3.41 -35.10 9.34
C ALA A 23 -3.60 -36.01 8.13
N GLY A 24 -3.40 -35.48 6.94
CA GLY A 24 -3.60 -36.30 5.75
C GLY A 24 -2.53 -37.37 5.51
N PRO A 25 -2.89 -38.44 4.77
CA PRO A 25 -4.22 -38.69 4.24
C PRO A 25 -5.16 -39.24 5.32
N LEU A 26 -6.41 -38.80 5.29
CA LEU A 26 -7.38 -39.24 6.28
C LEU A 26 -7.77 -40.68 5.92
N PRO A 27 -8.08 -41.50 6.94
CA PRO A 27 -8.57 -42.85 6.66
C PRO A 27 -10.00 -42.78 6.13
N GLU A 28 -10.43 -43.83 5.41
CA GLU A 28 -11.77 -43.87 4.83
C GLU A 28 -12.87 -43.73 5.87
N TRP A 29 -12.56 -44.10 7.11
CA TRP A 29 -13.55 -44.10 8.18
C TRP A 29 -13.65 -42.79 8.96
N ASN A 30 -12.86 -41.79 8.57
CA ASN A 30 -12.91 -40.50 9.26
C ASN A 30 -14.34 -39.92 9.19
N ARG A 31 -14.90 -39.57 10.35
CA ARG A 31 -16.31 -39.14 10.41
C ARG A 31 -16.57 -37.64 10.40
N VAL A 32 -15.55 -36.85 10.06
CA VAL A 32 -15.61 -35.39 10.26
C VAL A 32 -15.81 -34.71 8.91
N GLU A 33 -17.02 -34.21 8.67
CA GLU A 33 -17.36 -33.70 7.34
C GLU A 33 -16.52 -32.48 6.96
N TRP A 34 -16.05 -31.75 7.97
CA TRP A 34 -15.27 -30.54 7.73
C TRP A 34 -13.76 -30.81 7.75
N ARG A 35 -13.35 -32.07 7.67
CA ARG A 35 -11.92 -32.39 7.54
C ARG A 35 -11.66 -33.11 6.22
N GLY A 36 -10.62 -32.67 5.52
CA GLY A 36 -10.17 -33.40 4.34
C GLY A 36 -8.67 -33.68 4.45
N ASP A 37 -8.09 -34.32 3.43
CA ASP A 37 -6.65 -34.53 3.44
C ASP A 37 -5.97 -33.17 3.59
N ALA A 38 -4.98 -33.10 4.48
CA ALA A 38 -4.26 -31.85 4.68
C ALA A 38 -2.78 -32.16 4.90
N THR A 39 -1.95 -31.15 4.73
CA THR A 39 -0.49 -31.26 4.87
C THR A 39 0.08 -32.50 4.18
N MET A 40 -0.40 -32.75 2.97
CA MET A 40 0.07 -33.91 2.21
C MET A 40 1.51 -33.83 1.72
N ASN A 41 2.13 -32.66 1.81
CA ASN A 41 3.57 -32.55 1.56
C ASN A 41 4.48 -32.79 2.77
N ASP A 42 3.91 -33.16 3.92
CA ASP A 42 4.70 -33.44 5.11
C ASP A 42 5.64 -34.62 4.89
N GLU A 43 6.79 -34.56 5.55
CA GLU A 43 7.82 -35.58 5.40
C GLU A 43 7.31 -36.94 5.91
N VAL A 44 6.52 -36.92 6.98
CA VAL A 44 5.87 -38.13 7.48
C VAL A 44 4.37 -37.82 7.50
N LEU A 45 3.58 -38.68 6.85
CA LEU A 45 2.15 -38.45 6.69
C LEU A 45 1.37 -39.00 7.88
N GLY A 46 0.11 -38.61 7.96
CA GLY A 46 -0.78 -39.09 9.03
C GLY A 46 -0.43 -38.54 10.40
N GLY A 47 -0.85 -39.26 11.44
CA GLY A 47 -0.72 -38.77 12.80
C GLY A 47 -1.64 -37.61 13.12
N TRP A 48 -1.44 -37.02 14.30
CA TRP A 48 -2.34 -35.97 14.77
C TRP A 48 -1.66 -34.60 14.82
N TYR A 49 -2.41 -33.58 14.40
CA TYR A 49 -2.06 -32.19 14.75
C TYR A 49 -2.21 -32.08 16.25
N ASP A 50 -1.30 -31.35 16.88
CA ASP A 50 -1.23 -31.43 18.34
C ASP A 50 -2.42 -30.80 19.06
N ALA A 51 -2.72 -29.55 18.73
CA ALA A 51 -3.64 -28.77 19.55
C ALA A 51 -4.62 -28.03 18.64
N GLY A 52 -4.73 -26.70 18.76
CA GLY A 52 -5.60 -25.94 17.87
C GLY A 52 -4.79 -25.45 16.67
N ASP A 53 -3.62 -26.06 16.51
CA ASP A 53 -2.63 -25.69 15.49
C ASP A 53 -2.40 -26.85 14.51
N HIS A 54 -1.31 -26.81 13.74
CA HIS A 54 -1.05 -27.85 12.74
C HIS A 54 0.35 -28.47 12.82
N VAL A 55 0.96 -28.35 13.99
CA VAL A 55 2.27 -28.97 14.24
C VAL A 55 2.06 -30.41 14.71
N LYS A 56 2.90 -31.32 14.22
CA LYS A 56 2.97 -32.67 14.78
C LYS A 56 4.13 -32.68 15.77
N PHE A 57 3.80 -32.72 17.05
CA PHE A 57 4.80 -32.72 18.13
C PHE A 57 4.82 -34.14 18.69
N ASN A 58 5.89 -34.90 18.46
CA ASN A 58 5.81 -36.34 18.74
C ASN A 58 5.71 -36.71 20.22
N LEU A 59 6.27 -35.87 21.09
CA LEU A 59 6.22 -36.18 22.51
C LEU A 59 4.80 -36.23 23.07
N PRO A 60 4.03 -35.13 22.95
CA PRO A 60 2.64 -35.24 23.36
C PRO A 60 1.83 -36.17 22.45
N MET A 61 2.17 -36.28 21.18
CA MET A 61 1.41 -37.19 20.31
C MET A 61 1.56 -38.65 20.75
N ALA A 62 2.79 -39.06 21.04
CA ALA A 62 3.07 -40.42 21.46
C ALA A 62 2.49 -40.63 22.86
N TYR A 63 2.60 -39.62 23.71
CA TYR A 63 2.03 -39.73 25.04
C TYR A 63 0.52 -40.01 24.92
N SER A 64 -0.15 -39.24 24.06
CA SER A 64 -1.60 -39.38 23.91
C SER A 64 -1.94 -40.78 23.41
N ALA A 65 -1.18 -41.27 22.44
CA ALA A 65 -1.36 -42.64 21.96
C ALA A 65 -1.17 -43.67 23.06
N ALA A 66 -0.10 -43.51 23.85
CA ALA A 66 0.20 -44.43 24.95
C ALA A 66 -0.98 -44.48 25.91
N MET A 67 -1.59 -43.33 26.16
CA MET A 67 -2.71 -43.26 27.09
C MET A 67 -3.98 -43.89 26.48
N LEU A 68 -4.22 -43.73 25.19
CA LEU A 68 -5.37 -44.39 24.60
C LEU A 68 -5.13 -45.90 24.61
N GLY A 69 -3.88 -46.31 24.44
CA GLY A 69 -3.50 -47.72 24.55
C GLY A 69 -3.76 -48.22 25.96
N TRP A 70 -3.35 -47.44 26.95
CA TRP A 70 -3.58 -47.83 28.33
C TRP A 70 -5.08 -47.96 28.63
N ALA A 71 -5.90 -47.05 28.14
CA ALA A 71 -7.36 -47.16 28.30
C ALA A 71 -7.87 -48.52 27.83
N LEU A 72 -7.46 -48.92 26.63
CA LEU A 72 -7.85 -50.22 26.06
C LEU A 72 -7.28 -51.39 26.85
N TYR A 73 -6.06 -51.23 27.35
CA TYR A 73 -5.39 -52.27 28.13
C TYR A 73 -6.16 -52.58 29.41
N GLU A 74 -6.66 -51.54 30.06
CA GLU A 74 -7.43 -51.73 31.28
C GLU A 74 -8.88 -52.11 31.01
N TYR A 75 -9.54 -51.45 30.06
CA TYR A 75 -10.99 -51.50 29.94
C TYR A 75 -11.58 -51.89 28.60
N GLY A 76 -10.76 -52.36 27.66
CA GLY A 76 -11.26 -52.64 26.32
C GLY A 76 -12.47 -53.57 26.29
N ASP A 77 -12.42 -54.64 27.08
CA ASP A 77 -13.53 -55.59 27.15
C ASP A 77 -14.76 -54.96 27.79
N ASP A 78 -14.52 -54.11 28.79
CA ASP A 78 -15.59 -53.51 29.58
C ASP A 78 -16.37 -52.40 28.86
N ILE A 79 -15.90 -51.96 27.69
CA ILE A 79 -16.56 -50.90 26.91
C ILE A 79 -17.18 -51.35 25.59
N GLU A 80 -17.13 -52.66 25.29
CA GLU A 80 -17.82 -53.15 24.10
C GLU A 80 -19.30 -52.74 24.05
N ALA A 81 -19.94 -52.69 25.20
CA ALA A 81 -21.35 -52.28 25.30
C ALA A 81 -21.65 -50.84 24.88
N SER A 82 -20.70 -49.93 25.13
CA SER A 82 -20.80 -48.53 24.72
C SER A 82 -20.74 -48.40 23.20
N GLY A 83 -20.29 -49.47 22.54
CA GLY A 83 -20.07 -49.44 21.10
C GLY A 83 -18.84 -48.67 20.65
N GLN A 84 -17.98 -48.29 21.58
CA GLN A 84 -16.85 -47.40 21.26
C GLN A 84 -15.50 -48.07 21.09
N ARG A 85 -15.41 -49.37 21.37
CA ARG A 85 -14.14 -50.06 21.33
C ARG A 85 -13.45 -49.97 19.96
N LEU A 86 -14.21 -50.27 18.90
CA LEU A 86 -13.65 -50.24 17.55
C LEU A 86 -13.21 -48.84 17.15
N HIS A 87 -14.01 -47.85 17.53
CA HIS A 87 -13.62 -46.47 17.27
C HIS A 87 -12.30 -46.14 17.96
N LEU A 88 -12.17 -46.51 19.23
CA LEU A 88 -10.96 -46.22 19.98
C LEU A 88 -9.76 -46.94 19.37
N GLU A 89 -9.93 -48.21 19.01
CA GLU A 89 -8.84 -49.00 18.46
C GLU A 89 -8.30 -48.41 17.16
N ARG A 90 -9.18 -48.08 16.22
CA ARG A 90 -8.64 -47.60 14.93
C ARG A 90 -8.10 -46.17 15.05
N ASN A 91 -8.67 -45.36 15.94
CA ASN A 91 -8.07 -44.05 16.19
C ASN A 91 -6.65 -44.18 16.76
N LEU A 92 -6.45 -45.12 17.68
CA LEU A 92 -5.11 -45.37 18.20
C LEU A 92 -4.17 -45.80 17.08
N ALA A 93 -4.61 -46.76 16.28
CA ALA A 93 -3.78 -47.33 15.21
C ALA A 93 -3.28 -46.25 14.26
N PHE A 94 -4.15 -45.29 13.94
CA PHE A 94 -3.75 -44.18 13.08
C PHE A 94 -2.51 -43.45 13.62
N ALA A 95 -2.50 -43.15 14.91
CA ALA A 95 -1.33 -42.49 15.49
C ALA A 95 -0.11 -43.40 15.52
N LEU A 96 -0.28 -44.67 15.89
CA LEU A 96 0.84 -45.59 16.02
C LEU A 96 1.46 -45.80 14.63
N ASP A 97 0.64 -45.82 13.59
CA ASP A 97 1.17 -45.93 12.22
C ASP A 97 2.12 -44.79 11.85
N TYR A 98 1.76 -43.58 12.29
CA TYR A 98 2.62 -42.42 12.14
C TYR A 98 3.94 -42.62 12.91
N LEU A 99 3.85 -43.10 14.14
CA LEU A 99 5.09 -43.29 14.91
C LEU A 99 6.05 -44.26 14.22
N VAL A 100 5.52 -45.32 13.64
CA VAL A 100 6.32 -46.29 12.89
C VAL A 100 6.94 -45.57 11.69
N ALA A 101 6.11 -44.75 11.04
CA ALA A 101 6.54 -44.05 9.82
C ALA A 101 7.65 -43.04 10.07
N CYS A 102 7.87 -42.66 11.33
CA CYS A 102 8.93 -41.72 11.71
C CYS A 102 10.33 -42.36 11.80
N ASP A 103 10.42 -43.68 11.72
CA ASP A 103 11.71 -44.34 11.89
C ASP A 103 12.73 -43.87 10.86
N ARG A 104 13.91 -43.49 11.31
CA ARG A 104 15.02 -43.13 10.43
C ARG A 104 16.28 -43.92 10.84
N GLY A 105 16.08 -45.01 11.57
CA GLY A 105 17.15 -45.96 11.87
C GLY A 105 17.86 -45.69 13.19
N ASP A 106 18.87 -44.82 13.15
CA ASP A 106 19.58 -44.41 14.34
C ASP A 106 19.01 -43.10 14.86
N SER A 107 17.80 -42.77 14.41
CA SER A 107 17.14 -41.50 14.73
C SER A 107 15.69 -41.61 14.29
N VAL A 108 14.88 -40.61 14.62
CA VAL A 108 13.50 -40.56 14.15
C VAL A 108 13.17 -39.14 13.69
N VAL A 109 12.16 -39.01 12.84
CA VAL A 109 11.53 -37.72 12.62
C VAL A 109 10.73 -37.52 13.91
N TYR A 110 10.93 -36.40 14.61
CA TYR A 110 10.25 -36.19 15.90
C TYR A 110 9.34 -34.97 15.89
N GLN A 111 9.27 -34.27 14.76
CA GLN A 111 8.41 -33.11 14.64
C GLN A 111 8.16 -32.82 13.18
N ILE A 112 6.93 -32.47 12.84
CA ILE A 112 6.62 -31.87 11.54
C ILE A 112 5.99 -30.51 11.77
N GLY A 113 6.57 -29.50 11.14
CA GLY A 113 6.11 -28.13 11.32
C GLY A 113 6.90 -27.42 12.40
N ASP A 114 7.01 -26.10 12.23
CA ASP A 114 7.75 -25.23 13.14
C ASP A 114 6.69 -24.46 13.93
N GLY A 115 6.77 -24.57 15.25
CA GLY A 115 5.78 -23.97 16.16
C GLY A 115 5.56 -22.50 15.91
N ALA A 116 6.66 -21.76 15.86
CA ALA A 116 6.57 -20.31 15.74
C ALA A 116 5.89 -19.90 14.44
N ALA A 117 6.27 -20.54 13.34
CA ALA A 117 5.71 -20.24 12.03
C ALA A 117 4.24 -20.68 11.92
N ASP A 118 3.96 -21.89 12.40
CA ASP A 118 2.61 -22.43 12.36
C ASP A 118 1.65 -21.52 13.13
N HIS A 119 2.07 -21.12 14.32
CA HIS A 119 1.16 -20.41 15.20
C HIS A 119 0.87 -18.98 14.79
N LYS A 120 1.76 -18.35 14.02
CA LYS A 120 1.52 -16.99 13.52
C LYS A 120 0.32 -16.91 12.58
N TRP A 121 -0.10 -18.04 12.01
CA TRP A 121 -1.18 -18.05 11.03
C TRP A 121 -2.43 -18.72 11.59
N TRP A 122 -3.59 -18.16 11.26
CA TRP A 122 -4.88 -18.67 11.75
C TRP A 122 -5.72 -19.07 10.54
N GLY A 123 -5.92 -20.38 10.34
CA GLY A 123 -6.71 -20.82 9.20
C GLY A 123 -6.75 -22.34 9.22
N SER A 124 -7.38 -22.92 8.21
CA SER A 124 -7.74 -24.34 8.24
C SER A 124 -6.60 -25.23 7.67
N ALA A 125 -6.48 -26.42 8.23
CA ALA A 125 -5.42 -27.37 7.90
C ALA A 125 -5.27 -27.58 6.38
N GLU A 126 -6.40 -27.73 5.69
CA GLU A 126 -6.39 -28.13 4.29
C GLU A 126 -5.77 -27.10 3.34
N VAL A 127 -5.63 -25.87 3.81
CA VAL A 127 -5.10 -24.78 2.98
C VAL A 127 -3.75 -24.22 3.45
N ILE A 128 -3.15 -24.81 4.48
CA ILE A 128 -1.94 -24.22 5.06
C ILE A 128 -0.75 -24.23 4.09
N GLU A 129 -0.70 -25.18 3.16
CA GLU A 129 0.44 -25.24 2.23
C GLU A 129 0.46 -24.07 1.24
N LYS A 130 -0.66 -23.36 1.11
CA LYS A 130 -0.70 -22.13 0.32
C LYS A 130 -0.05 -20.97 1.08
N GLU A 131 -0.01 -21.07 2.40
CA GLU A 131 0.53 -20.03 3.25
C GLU A 131 2.02 -20.25 3.58
N MET A 132 2.42 -21.49 3.81
CA MET A 132 3.79 -21.76 4.28
C MET A 132 4.28 -23.15 3.90
N THR A 133 5.60 -23.34 3.97
CA THR A 133 6.24 -24.60 3.63
C THR A 133 6.77 -25.18 4.93
N ARG A 134 6.38 -26.42 5.21
CA ARG A 134 6.58 -27.01 6.54
C ARG A 134 7.83 -27.87 6.65
N PRO A 135 8.67 -27.58 7.65
CA PRO A 135 9.89 -28.33 7.87
C PRO A 135 9.62 -29.63 8.62
N TYR A 136 10.62 -30.50 8.66
CA TYR A 136 10.61 -31.62 9.57
C TYR A 136 11.90 -31.60 10.39
N PHE A 137 11.91 -32.38 11.46
CA PHE A 137 13.05 -32.40 12.37
C PHE A 137 13.39 -33.83 12.72
N VAL A 138 14.69 -34.10 12.77
CA VAL A 138 15.20 -35.45 13.01
C VAL A 138 16.11 -35.44 14.22
N GLY A 139 16.06 -36.50 15.03
CA GLY A 139 16.84 -36.54 16.25
C GLY A 139 16.72 -37.87 16.96
N LYS A 140 17.29 -37.94 18.16
CA LYS A 140 17.30 -39.17 18.94
C LYS A 140 17.05 -38.90 20.42
N GLY A 141 16.29 -37.85 20.71
CA GLY A 141 15.99 -37.49 22.10
C GLY A 141 15.38 -38.64 22.89
N SER A 142 15.98 -38.95 24.04
CA SER A 142 15.53 -40.09 24.83
C SER A 142 14.08 -39.95 25.29
N ALA A 143 13.67 -38.76 25.73
CA ALA A 143 12.28 -38.56 26.12
C ALA A 143 11.32 -38.81 24.96
N VAL A 144 11.55 -38.15 23.83
CA VAL A 144 10.59 -38.28 22.71
C VAL A 144 10.64 -39.70 22.15
N VAL A 145 11.83 -40.24 21.97
CA VAL A 145 11.96 -41.60 21.43
C VAL A 145 11.44 -42.63 22.43
N GLY A 146 11.69 -42.43 23.73
CA GLY A 146 11.20 -43.31 24.78
C GLY A 146 9.68 -43.36 24.82
N GLN A 147 9.07 -42.19 24.66
CA GLN A 147 7.61 -42.10 24.68
C GLN A 147 7.03 -42.80 23.46
N MET A 148 7.66 -42.59 22.31
CA MET A 148 7.28 -43.30 21.09
C MET A 148 7.32 -44.82 21.29
N ALA A 149 8.38 -45.31 21.94
CA ALA A 149 8.49 -46.74 22.26
C ALA A 149 7.35 -47.19 23.16
N ALA A 150 7.06 -46.43 24.22
CA ALA A 150 5.99 -46.81 25.15
C ALA A 150 4.64 -46.92 24.46
N ALA A 151 4.31 -45.95 23.62
CA ALA A 151 3.04 -45.93 22.91
C ALA A 151 2.93 -47.18 22.02
N LEU A 152 4.01 -47.48 21.31
CA LEU A 152 4.06 -48.69 20.47
C LEU A 152 4.03 -49.99 21.26
N ALA A 153 4.63 -49.99 22.45
CA ALA A 153 4.61 -51.19 23.30
C ALA A 153 3.20 -51.50 23.79
N VAL A 154 2.54 -50.55 24.44
CA VAL A 154 1.14 -50.81 24.81
C VAL A 154 0.25 -51.05 23.60
N GLY A 155 0.45 -50.32 22.51
CA GLY A 155 -0.30 -50.48 21.27
C GLY A 155 -0.16 -51.91 20.72
N SER A 156 1.03 -52.48 20.84
CA SER A 156 1.23 -53.85 20.36
C SER A 156 0.40 -54.87 21.13
N ILE A 157 0.21 -54.63 22.44
CA ILE A 157 -0.62 -55.51 23.25
C ILE A 157 -2.09 -55.41 22.81
N VAL A 158 -2.63 -54.19 22.85
CA VAL A 158 -4.07 -53.99 22.74
C VAL A 158 -4.56 -54.15 21.31
N LEU A 159 -3.64 -53.99 20.38
CA LEU A 159 -4.00 -54.13 18.97
C LEU A 159 -3.43 -55.39 18.35
N LYS A 160 -2.82 -56.22 19.21
CA LYS A 160 -2.25 -57.52 18.81
C LYS A 160 -1.39 -57.40 17.56
N ASN A 161 -0.37 -56.56 17.67
CA ASN A 161 0.35 -56.15 16.47
C ASN A 161 1.86 -56.28 16.60
N ASP A 162 2.44 -57.16 15.79
CA ASP A 162 3.86 -57.47 15.95
C ASP A 162 4.78 -56.40 15.40
N THR A 163 4.31 -55.65 14.40
CA THR A 163 5.04 -54.51 13.87
C THR A 163 5.18 -53.46 14.97
N TYR A 164 4.09 -53.13 15.65
CA TYR A 164 4.21 -52.17 16.74
C TYR A 164 5.24 -52.62 17.78
N LEU A 165 5.23 -53.89 18.17
CA LEU A 165 6.19 -54.37 19.16
C LEU A 165 7.62 -54.27 18.65
N ARG A 166 7.83 -54.61 17.37
CA ARG A 166 9.16 -54.53 16.78
C ARG A 166 9.71 -53.10 16.84
N TYR A 167 8.88 -52.13 16.47
CA TYR A 167 9.27 -50.72 16.55
C TYR A 167 9.39 -50.20 17.99
N ALA A 168 8.54 -50.69 18.90
CA ALA A 168 8.68 -50.30 20.31
C ALA A 168 10.07 -50.69 20.81
N LYS A 169 10.51 -51.90 20.47
CA LYS A 169 11.84 -52.35 20.86
C LYS A 169 12.95 -51.52 20.23
N LYS A 170 12.84 -51.25 18.92
CA LYS A 170 13.80 -50.44 18.21
C LYS A 170 13.99 -49.07 18.88
N TYR A 171 12.86 -48.41 19.16
CA TYR A 171 12.89 -47.07 19.73
C TYR A 171 13.38 -47.10 21.17
N PHE A 172 12.96 -48.10 21.94
CA PHE A 172 13.46 -48.17 23.31
C PHE A 172 14.98 -48.34 23.33
N GLU A 173 15.48 -49.24 22.49
CA GLU A 173 16.92 -49.46 22.39
C GLU A 173 17.64 -48.16 22.00
N LEU A 174 17.09 -47.42 21.05
CA LEU A 174 17.70 -46.15 20.67
C LEU A 174 17.71 -45.17 21.84
N ALA A 175 16.58 -45.06 22.52
CA ALA A 175 16.47 -44.08 23.59
C ALA A 175 17.38 -44.44 24.76
N ASP A 176 17.48 -45.73 25.05
CA ASP A 176 18.25 -46.24 26.19
C ASP A 176 19.74 -46.18 25.91
N ALA A 177 20.11 -46.34 24.63
CA ALA A 177 21.50 -46.17 24.23
C ALA A 177 21.91 -44.71 24.20
N THR A 178 20.99 -43.81 23.85
CA THR A 178 21.32 -42.39 23.71
C THR A 178 21.44 -41.67 25.04
N ARG A 179 20.54 -41.98 25.96
CA ARG A 179 20.49 -41.34 27.28
C ARG A 179 20.83 -39.85 27.21
N SER A 180 20.06 -39.12 26.41
CA SER A 180 20.23 -37.68 26.27
C SER A 180 19.08 -37.01 25.54
N ASP A 181 18.65 -35.86 26.04
CA ASP A 181 17.73 -35.01 25.29
C ASP A 181 18.37 -33.93 24.41
N SER A 182 19.68 -33.97 24.18
CA SER A 182 20.34 -32.84 23.52
C SER A 182 19.90 -32.63 22.08
N THR A 183 19.49 -33.68 21.40
CA THR A 183 19.03 -33.57 20.02
C THR A 183 17.51 -33.34 19.92
N TYR A 184 16.86 -33.15 21.07
CA TYR A 184 15.45 -32.77 21.12
C TYR A 184 15.39 -31.26 21.33
N THR A 185 15.26 -30.50 20.24
CA THR A 185 15.29 -29.03 20.34
C THR A 185 14.12 -28.31 19.66
N ALA A 186 13.53 -28.92 18.63
CA ALA A 186 12.57 -28.21 17.80
C ALA A 186 11.30 -27.82 18.55
N ALA A 187 11.00 -28.49 19.66
CA ALA A 187 9.77 -28.23 20.39
C ALA A 187 10.03 -27.34 21.60
N ASN A 188 11.24 -26.78 21.72
CA ASN A 188 11.54 -26.01 22.92
C ASN A 188 10.65 -24.78 23.09
N GLY A 189 10.08 -24.63 24.29
CA GLY A 189 9.14 -23.57 24.60
C GLY A 189 7.71 -24.00 24.35
N PHE A 190 7.54 -25.09 23.59
CA PHE A 190 6.21 -25.70 23.38
C PHE A 190 6.04 -26.97 24.21
N TYR A 191 6.94 -27.93 23.98
CA TYR A 191 7.00 -29.18 24.73
C TYR A 191 8.46 -29.49 25.03
N SER A 192 9.14 -28.55 25.68
CA SER A 192 10.49 -28.83 26.18
C SER A 192 10.49 -30.04 27.10
N SER A 193 11.63 -30.74 27.15
CA SER A 193 11.79 -31.82 28.11
C SER A 193 12.14 -31.23 29.47
N HIS A 194 11.17 -31.18 30.36
CA HIS A 194 11.34 -30.51 31.64
C HIS A 194 11.89 -31.47 32.69
N SER A 195 11.33 -32.66 32.72
CA SER A 195 11.67 -33.68 33.72
C SER A 195 12.94 -34.45 33.36
N GLY A 196 13.44 -34.29 32.14
CA GLY A 196 14.46 -35.21 31.64
C GLY A 196 13.84 -36.50 31.13
N PHE A 197 14.68 -37.51 30.89
CA PHE A 197 14.27 -38.67 30.12
C PHE A 197 14.15 -39.98 30.90
N TRP A 198 14.62 -40.01 32.14
CA TRP A 198 14.60 -41.27 32.88
C TRP A 198 13.19 -41.79 33.09
N ASP A 199 12.23 -40.88 33.28
CA ASP A 199 10.83 -41.28 33.39
C ASP A 199 10.30 -41.93 32.11
N GLU A 200 10.70 -41.45 30.94
CA GLU A 200 10.29 -42.09 29.68
C GLU A 200 10.90 -43.49 29.58
N LEU A 201 12.14 -43.64 30.04
CA LEU A 201 12.78 -44.95 29.93
C LEU A 201 12.07 -45.91 30.88
N LEU A 202 11.71 -45.42 32.06
CA LEU A 202 10.88 -46.18 32.98
C LEU A 202 9.53 -46.64 32.38
N TRP A 203 8.79 -45.70 31.82
CA TRP A 203 7.47 -45.91 31.22
C TRP A 203 7.57 -46.91 30.07
N ALA A 204 8.53 -46.69 29.18
CA ALA A 204 8.71 -47.57 28.02
C ALA A 204 9.12 -48.99 28.43
N SER A 205 10.06 -49.10 29.36
CA SER A 205 10.52 -50.44 29.77
C SER A 205 9.42 -51.16 30.53
N THR A 206 8.65 -50.41 31.32
CA THR A 206 7.51 -51.02 32.00
C THR A 206 6.51 -51.60 31.01
N TRP A 207 6.14 -50.83 29.99
CA TRP A 207 5.22 -51.34 28.97
C TRP A 207 5.84 -52.48 28.16
N LEU A 208 7.15 -52.42 27.93
CA LEU A 208 7.78 -53.53 27.20
C LEU A 208 7.75 -54.83 28.01
N TYR A 209 7.93 -54.72 29.33
CA TYR A 209 7.73 -55.84 30.23
C TYR A 209 6.29 -56.36 30.21
N LEU A 210 5.29 -55.48 30.27
CA LEU A 210 3.91 -55.94 30.20
C LEU A 210 3.55 -56.56 28.85
N ALA A 211 4.27 -56.16 27.80
CA ALA A 211 4.05 -56.71 26.47
C ALA A 211 4.72 -58.08 26.28
N THR A 212 5.93 -58.23 26.81
CA THR A 212 6.77 -59.38 26.48
C THR A 212 6.88 -60.40 27.61
N GLY A 213 6.79 -59.93 28.85
CA GLY A 213 7.02 -60.78 30.01
C GLY A 213 8.49 -61.09 30.21
N ASP A 214 9.34 -60.39 29.46
CA ASP A 214 10.79 -60.55 29.53
C ASP A 214 11.30 -59.77 30.73
N ARG A 215 11.71 -60.52 31.75
CA ARG A 215 12.19 -59.94 33.01
C ARG A 215 13.32 -58.94 32.79
N ASN A 216 14.01 -58.99 31.65
CA ASN A 216 15.08 -58.02 31.39
C ASN A 216 14.54 -56.59 31.29
N TYR A 217 13.29 -56.46 30.86
CA TYR A 217 12.68 -55.13 30.89
C TYR A 217 12.31 -54.72 32.30
N LEU A 218 11.84 -55.66 33.12
CA LEU A 218 11.51 -55.29 34.51
C LEU A 218 12.78 -54.86 35.22
N ASP A 219 13.91 -55.48 34.87
CA ASP A 219 15.22 -55.14 35.45
C ASP A 219 15.63 -53.72 35.12
N LYS A 220 15.48 -53.38 33.84
CA LYS A 220 15.75 -52.03 33.35
C LYS A 220 14.83 -51.05 34.08
N ALA A 221 13.54 -51.34 34.10
CA ALA A 221 12.57 -50.47 34.76
C ALA A 221 13.01 -50.17 36.20
N GLU A 222 13.24 -51.21 37.00
CA GLU A 222 13.62 -50.99 38.39
C GLU A 222 14.93 -50.24 38.53
N SER A 223 15.83 -50.39 37.56
CA SER A 223 17.10 -49.68 37.54
C SER A 223 16.99 -48.17 37.32
N TYR A 224 15.85 -47.72 36.78
CA TYR A 224 15.69 -46.30 36.48
C TYR A 224 15.14 -45.50 37.65
N THR A 225 14.45 -46.15 38.57
CA THR A 225 13.75 -45.41 39.62
C THR A 225 14.69 -44.53 40.47
N PRO A 226 15.91 -45.02 40.78
CA PRO A 226 16.80 -44.15 41.55
C PRO A 226 17.28 -42.93 40.77
N LYS A 227 17.10 -42.91 39.46
CA LYS A 227 17.48 -41.75 38.65
C LYS A 227 16.36 -40.70 38.49
N LEU A 228 15.15 -41.02 38.95
CA LEU A 228 14.03 -40.09 38.83
C LEU A 228 14.26 -38.87 39.71
N ASN A 229 13.67 -37.75 39.32
CA ASN A 229 13.76 -36.52 40.12
C ASN A 229 13.17 -36.72 41.50
N ARG A 230 13.77 -36.06 42.49
CA ARG A 230 13.29 -36.13 43.86
C ARG A 230 12.24 -35.04 44.10
N GLN A 231 11.45 -35.22 45.15
CA GLN A 231 10.55 -34.15 45.60
C GLN A 231 11.36 -33.10 46.35
N ASN A 232 11.49 -31.92 45.76
CA ASN A 232 12.21 -30.81 46.37
C ASN A 232 13.60 -31.29 46.81
N GLN A 233 13.92 -31.15 48.10
CA GLN A 233 15.23 -31.56 48.60
C GLN A 233 15.20 -32.86 49.41
N THR A 234 14.07 -33.57 49.43
CA THR A 234 13.97 -34.85 50.13
C THR A 234 14.51 -36.00 49.29
N THR A 235 14.42 -37.21 49.83
CA THR A 235 14.85 -38.42 49.13
C THR A 235 13.71 -39.12 48.41
N ASP A 236 12.49 -38.63 48.59
CA ASP A 236 11.33 -39.24 47.93
C ASP A 236 11.40 -38.92 46.44
N ILE A 237 10.96 -39.85 45.62
CA ILE A 237 10.71 -39.60 44.20
C ILE A 237 9.63 -38.52 44.12
N GLU A 238 9.80 -37.57 43.19
CA GLU A 238 8.82 -36.51 42.99
C GLU A 238 7.39 -37.07 42.90
N TYR A 239 6.47 -36.48 43.66
CA TYR A 239 5.07 -36.93 43.59
C TYR A 239 4.08 -35.78 43.42
N GLN A 240 4.53 -34.55 43.63
CA GLN A 240 3.67 -33.36 43.62
C GLN A 240 3.53 -32.77 42.21
N TRP A 241 3.00 -33.59 41.32
CA TRP A 241 2.69 -33.20 39.95
C TRP A 241 1.75 -34.25 39.37
N ALA A 242 1.41 -34.12 38.09
CA ALA A 242 0.52 -35.06 37.40
C ALA A 242 1.30 -35.87 36.38
N HIS A 243 0.81 -37.09 36.17
CA HIS A 243 1.16 -37.89 35.00
C HIS A 243 0.78 -37.06 33.78
N CYS A 244 1.69 -36.88 32.83
CA CYS A 244 1.43 -35.96 31.71
C CYS A 244 2.41 -36.24 30.59
N TRP A 245 2.24 -35.52 29.49
CA TRP A 245 3.09 -35.66 28.31
C TRP A 245 4.59 -35.59 28.61
N ASP A 246 4.98 -34.82 29.63
CA ASP A 246 6.39 -34.64 29.99
C ASP A 246 6.94 -35.71 30.92
N ASP A 247 6.03 -36.35 31.67
CA ASP A 247 6.48 -37.18 32.77
C ASP A 247 5.44 -38.24 33.12
N CYS A 248 5.73 -39.49 32.76
CA CYS A 248 4.84 -40.60 33.01
C CYS A 248 5.34 -41.50 34.14
N HIS A 249 6.24 -41.03 34.99
CA HIS A 249 6.69 -41.93 36.06
C HIS A 249 5.57 -42.28 37.05
N TYR A 250 4.62 -41.36 37.23
CA TYR A 250 3.47 -41.61 38.10
C TYR A 250 2.72 -42.89 37.69
N GLY A 251 2.30 -42.94 36.43
CA GLY A 251 1.60 -44.09 35.89
C GLY A 251 2.46 -45.34 35.90
N ALA A 252 3.77 -45.20 35.63
CA ALA A 252 4.67 -46.34 35.64
C ALA A 252 4.78 -46.97 37.02
N MET A 253 4.76 -46.15 38.06
CA MET A 253 4.88 -46.67 39.41
C MET A 253 3.62 -47.40 39.81
N ILE A 254 2.46 -46.92 39.37
CA ILE A 254 1.19 -47.63 39.57
C ILE A 254 1.21 -48.99 38.85
N LEU A 255 1.65 -49.02 37.60
CA LEU A 255 1.73 -50.28 36.87
C LEU A 255 2.66 -51.27 37.58
N LEU A 256 3.76 -50.78 38.13
CA LEU A 256 4.72 -51.64 38.80
C LEU A 256 4.26 -52.10 40.19
N ALA A 257 3.48 -51.25 40.85
CA ALA A 257 2.81 -51.67 42.08
C ALA A 257 1.95 -52.90 41.81
N ARG A 258 1.17 -52.87 40.73
CA ARG A 258 0.25 -53.95 40.42
C ARG A 258 1.00 -55.18 39.89
N ALA A 259 2.03 -54.92 39.09
CA ALA A 259 2.75 -56.01 38.43
C ALA A 259 3.70 -56.76 39.36
N THR A 260 4.43 -56.04 40.22
CA THR A 260 5.38 -56.64 41.15
C THR A 260 4.86 -56.85 42.57
N GLY A 261 3.82 -56.11 42.94
CA GLY A 261 3.32 -56.09 44.31
C GLY A 261 4.22 -55.47 45.35
N LYS A 262 5.39 -54.97 44.92
CA LYS A 262 6.40 -54.44 45.85
C LYS A 262 5.93 -53.19 46.59
N GLU A 263 6.32 -53.08 47.86
CA GLU A 263 5.83 -52.03 48.75
C GLU A 263 6.27 -50.62 48.34
N GLU A 264 7.48 -50.50 47.80
CA GLU A 264 7.99 -49.21 47.35
C GLU A 264 7.08 -48.55 46.32
N TYR A 265 6.46 -49.34 45.45
CA TYR A 265 5.55 -48.80 44.45
C TYR A 265 4.20 -48.42 45.04
N HIS A 266 3.70 -49.23 45.96
CA HIS A 266 2.46 -48.93 46.67
C HIS A 266 2.61 -47.69 47.52
N LYS A 267 3.74 -47.57 48.19
CA LYS A 267 4.05 -46.40 48.99
C LYS A 267 4.02 -45.15 48.12
N PHE A 268 4.67 -45.22 46.96
CA PHE A 268 4.72 -44.06 46.08
C PHE A 268 3.32 -43.72 45.59
N ALA A 269 2.58 -44.74 45.14
CA ALA A 269 1.26 -44.52 44.56
C ALA A 269 0.33 -43.84 45.55
N GLN A 270 0.41 -44.26 46.81
CA GLN A 270 -0.47 -43.72 47.84
C GLN A 270 -0.07 -42.30 48.23
N MET A 271 1.22 -42.02 48.25
CA MET A 271 1.69 -40.69 48.61
C MET A 271 1.27 -39.72 47.52
N HIS A 272 1.51 -40.12 46.28
CA HIS A 272 1.15 -39.30 45.12
C HIS A 272 -0.35 -39.03 45.03
N LEU A 273 -1.15 -40.08 45.12
CA LEU A 273 -2.60 -39.93 45.03
C LEU A 273 -3.17 -39.20 46.24
N ASP A 274 -2.62 -39.42 47.43
CA ASP A 274 -3.10 -38.68 48.60
C ASP A 274 -2.90 -37.17 48.41
N TRP A 275 -1.75 -36.77 47.87
CA TRP A 275 -1.49 -35.36 47.56
C TRP A 275 -2.54 -34.73 46.64
N TRP A 276 -3.11 -35.53 45.75
CA TRP A 276 -4.18 -35.09 44.84
C TRP A 276 -5.58 -35.01 45.47
N THR A 277 -5.81 -35.79 46.53
CA THR A 277 -7.13 -35.88 47.12
C THR A 277 -7.37 -34.70 48.06
N PRO A 278 -8.65 -34.43 48.39
CA PRO A 278 -8.94 -33.34 49.30
C PRO A 278 -8.32 -33.47 50.68
N GLN A 279 -8.05 -34.69 51.13
CA GLN A 279 -7.41 -34.88 52.43
C GLN A 279 -5.90 -34.63 52.41
N GLY A 280 -5.30 -34.65 51.22
CA GLY A 280 -3.87 -34.39 51.15
C GLY A 280 -2.95 -35.46 51.69
N TYR A 281 -1.65 -35.16 51.68
CA TYR A 281 -0.63 -36.07 52.17
C TYR A 281 0.18 -35.35 53.24
N ASN A 282 -0.09 -35.69 54.49
CA ASN A 282 0.56 -35.10 55.67
C ASN A 282 0.71 -33.59 55.61
N GLY A 283 -0.38 -32.92 55.27
CA GLY A 283 -0.38 -31.45 55.30
C GLY A 283 -0.02 -30.78 53.98
N LYS A 284 0.24 -31.57 52.94
CA LYS A 284 0.59 -31.07 51.61
C LYS A 284 -0.46 -31.54 50.61
N ARG A 285 -0.84 -30.65 49.70
CA ARG A 285 -1.94 -30.95 48.78
C ARG A 285 -1.85 -30.03 47.57
N VAL A 286 -2.23 -30.58 46.42
CA VAL A 286 -2.52 -29.77 45.24
C VAL A 286 -3.54 -28.69 45.56
N ALA A 287 -3.40 -27.54 44.91
CA ALA A 287 -4.41 -26.50 45.04
C ALA A 287 -5.74 -27.04 44.53
N TYR A 288 -6.82 -26.69 45.23
CA TYR A 288 -8.17 -27.03 44.79
C TYR A 288 -8.97 -25.76 44.54
N THR A 289 -9.76 -25.69 43.47
CA THR A 289 -10.72 -24.59 43.33
C THR A 289 -11.80 -24.81 44.39
N PRO A 290 -12.48 -23.72 44.82
CA PRO A 290 -13.58 -23.93 45.77
C PRO A 290 -14.66 -24.88 45.23
N GLY A 291 -14.83 -24.92 43.92
CA GLY A 291 -15.82 -25.76 43.26
C GLY A 291 -15.40 -27.22 43.14
N GLY A 292 -14.19 -27.54 43.59
CA GLY A 292 -13.76 -28.92 43.79
C GLY A 292 -12.86 -29.50 42.70
N LEU A 293 -12.37 -28.64 41.80
CA LEU A 293 -11.38 -29.11 40.82
C LEU A 293 -9.95 -29.06 41.37
N ALA A 294 -9.22 -30.17 41.28
CA ALA A 294 -7.81 -30.17 41.67
C ALA A 294 -7.08 -29.40 40.58
N HIS A 295 -6.38 -28.34 40.93
CA HIS A 295 -5.93 -27.35 39.94
C HIS A 295 -4.41 -27.20 39.97
N LEU A 296 -3.73 -27.95 39.10
CA LEU A 296 -2.29 -28.12 39.24
C LEU A 296 -1.52 -26.91 38.75
N ASP A 297 -2.01 -26.29 37.66
CA ASP A 297 -1.31 -25.23 36.97
C ASP A 297 -2.30 -24.43 36.13
N THR A 298 -1.89 -23.23 35.73
CA THR A 298 -2.68 -22.35 34.86
C THR A 298 -3.00 -23.07 33.55
N TRP A 299 -2.01 -23.77 33.00
CA TRP A 299 -2.21 -24.46 31.73
C TRP A 299 -2.90 -25.82 31.93
N GLY A 300 -4.00 -26.04 31.19
CA GLY A 300 -4.74 -27.32 31.16
C GLY A 300 -4.99 -27.99 32.50
N PRO A 301 -5.58 -27.25 33.47
CA PRO A 301 -5.90 -27.91 34.73
C PRO A 301 -6.86 -29.10 34.55
N LEU A 302 -7.78 -29.04 33.58
CA LEU A 302 -8.72 -30.16 33.42
C LEU A 302 -7.96 -31.39 32.91
N ARG A 303 -7.05 -31.17 31.97
CA ARG A 303 -6.18 -32.22 31.50
C ARG A 303 -5.47 -32.92 32.66
N TYR A 304 -4.85 -32.16 33.56
CA TYR A 304 -4.09 -32.80 34.63
C TYR A 304 -5.02 -33.55 35.57
N ALA A 305 -6.13 -32.92 35.97
CA ALA A 305 -7.03 -33.56 36.92
C ALA A 305 -7.68 -34.84 36.35
N THR A 306 -8.13 -34.79 35.11
CA THR A 306 -8.78 -35.97 34.50
C THR A 306 -7.79 -37.10 34.24
N THR A 307 -6.52 -36.76 34.00
CA THR A 307 -5.49 -37.79 33.86
C THR A 307 -5.28 -38.50 35.20
N GLU A 308 -5.18 -37.70 36.27
CA GLU A 308 -5.05 -38.28 37.60
C GLU A 308 -6.28 -39.10 37.97
N ALA A 309 -7.47 -38.70 37.48
CA ALA A 309 -8.66 -39.53 37.69
C ALA A 309 -8.44 -40.93 37.14
N PHE A 310 -7.95 -41.02 35.91
CA PHE A 310 -7.63 -42.34 35.33
C PHE A 310 -6.64 -43.14 36.18
N LEU A 311 -5.50 -42.56 36.54
CA LEU A 311 -4.55 -43.23 37.41
C LEU A 311 -5.21 -43.69 38.71
N ALA A 312 -6.03 -42.83 39.30
CA ALA A 312 -6.70 -43.17 40.56
C ALA A 312 -7.66 -44.36 40.40
N PHE A 313 -8.44 -44.37 39.31
CA PHE A 313 -9.32 -45.49 39.02
C PHE A 313 -8.50 -46.78 38.89
N VAL A 314 -7.41 -46.72 38.11
CA VAL A 314 -6.60 -47.91 37.88
C VAL A 314 -6.02 -48.41 39.20
N TYR A 315 -5.51 -47.50 40.02
CA TYR A 315 -4.92 -47.91 41.29
C TYR A 315 -5.96 -48.46 42.27
N ALA A 316 -7.10 -47.77 42.41
CA ALA A 316 -8.18 -48.25 43.27
C ALA A 316 -8.71 -49.62 42.84
N ASP A 317 -8.81 -49.87 41.53
CA ASP A 317 -9.26 -51.18 41.04
C ASP A 317 -8.25 -52.28 41.35
N SER A 318 -7.00 -51.89 41.58
CA SER A 318 -5.93 -52.87 41.72
C SER A 318 -5.60 -53.20 43.18
N ILE A 319 -6.29 -52.56 44.12
CA ILE A 319 -6.06 -52.81 45.55
C ILE A 319 -7.34 -53.30 46.22
N ASN A 320 -7.20 -53.84 47.43
CA ASN A 320 -8.34 -54.40 48.17
C ASN A 320 -8.84 -53.59 49.36
N ASP A 321 -7.98 -52.73 49.91
CA ASP A 321 -8.33 -51.90 51.06
C ASP A 321 -9.52 -50.99 50.77
N PRO A 322 -10.67 -51.25 51.43
CA PRO A 322 -11.91 -50.55 51.09
C PRO A 322 -11.87 -49.04 51.31
N ALA A 323 -11.22 -48.57 52.38
CA ALA A 323 -11.05 -47.14 52.64
C ALA A 323 -10.30 -46.42 51.51
N LEU A 324 -9.13 -46.96 51.16
CA LEU A 324 -8.32 -46.42 50.08
C LEU A 324 -9.04 -46.46 48.73
N LYS A 325 -9.62 -47.60 48.40
CA LYS A 325 -10.43 -47.73 47.18
C LYS A 325 -11.49 -46.63 47.06
N GLN A 326 -12.23 -46.41 48.14
CA GLN A 326 -13.30 -45.43 48.10
C GLN A 326 -12.73 -44.01 47.98
N LYS A 327 -11.63 -43.73 48.69
CA LYS A 327 -11.03 -42.40 48.67
C LYS A 327 -10.58 -42.07 47.24
N TYR A 328 -9.87 -43.01 46.62
CA TYR A 328 -9.37 -42.77 45.26
C TYR A 328 -10.47 -42.75 44.21
N TYR A 329 -11.44 -43.65 44.34
CA TYR A 329 -12.55 -43.68 43.40
C TYR A 329 -13.32 -42.36 43.45
N ASN A 330 -13.59 -41.90 44.67
CA ASN A 330 -14.36 -40.68 44.84
C ASN A 330 -13.62 -39.48 44.26
N PHE A 331 -12.31 -39.46 44.48
CA PHE A 331 -11.47 -38.40 43.91
C PHE A 331 -11.61 -38.42 42.39
N ALA A 332 -11.44 -39.61 41.81
CA ALA A 332 -11.42 -39.76 40.36
C ALA A 332 -12.74 -39.31 39.75
N LYS A 333 -13.84 -39.85 40.27
CA LYS A 333 -15.14 -39.54 39.69
C LYS A 333 -15.44 -38.06 39.90
N SER A 334 -15.01 -37.46 41.01
CA SER A 334 -15.29 -36.04 41.22
C SER A 334 -14.65 -35.14 40.17
N GLN A 335 -13.48 -35.55 39.67
CA GLN A 335 -12.74 -34.72 38.72
C GLN A 335 -13.38 -34.85 37.34
N ILE A 336 -13.75 -36.07 36.95
CA ILE A 336 -14.46 -36.27 35.68
C ILE A 336 -15.79 -35.55 35.74
N ASP A 337 -16.52 -35.70 36.84
CA ASP A 337 -17.81 -35.05 36.90
C ASP A 337 -17.72 -33.54 36.87
N TYR A 338 -16.71 -32.94 37.51
CA TYR A 338 -16.46 -31.51 37.38
C TYR A 338 -16.37 -31.11 35.90
N ALA A 339 -15.54 -31.85 35.16
CA ALA A 339 -15.33 -31.57 33.73
C ALA A 339 -16.62 -31.65 32.93
N LEU A 340 -17.54 -32.51 33.37
CA LEU A 340 -18.76 -32.76 32.59
C LEU A 340 -19.93 -31.87 33.01
N GLY A 341 -19.77 -31.15 34.12
CA GLY A 341 -20.80 -30.22 34.55
C GLY A 341 -21.04 -30.07 36.04
N SER A 342 -20.33 -30.83 36.87
CA SER A 342 -20.50 -30.72 38.33
C SER A 342 -19.57 -29.65 38.88
N ASN A 343 -19.96 -28.41 38.62
CA ASN A 343 -19.14 -27.26 38.95
C ASN A 343 -20.04 -26.07 39.26
N PRO A 344 -19.47 -24.93 39.72
CA PRO A 344 -20.34 -23.81 40.09
C PRO A 344 -21.24 -23.25 39.00
N ASP A 345 -20.86 -23.43 37.73
CA ASP A 345 -21.69 -23.02 36.60
C ASP A 345 -22.57 -24.10 36.01
N ASN A 346 -22.52 -25.31 36.58
CA ASN A 346 -23.27 -26.47 36.10
C ASN A 346 -23.08 -26.69 34.60
N ARG A 347 -21.86 -26.46 34.11
CA ARG A 347 -21.62 -26.45 32.67
C ARG A 347 -20.51 -27.42 32.26
N SER A 348 -20.76 -28.08 31.13
CA SER A 348 -19.77 -28.97 30.55
C SER A 348 -18.57 -28.17 30.04
N TYR A 349 -17.36 -28.71 30.23
CA TYR A 349 -16.14 -28.18 29.65
C TYR A 349 -15.69 -29.07 28.49
N VAL A 350 -16.63 -29.84 27.94
CA VAL A 350 -16.36 -30.70 26.78
C VAL A 350 -17.18 -30.18 25.62
N VAL A 351 -16.49 -29.70 24.60
CA VAL A 351 -17.16 -29.10 23.44
C VAL A 351 -18.20 -30.07 22.90
N GLY A 352 -19.40 -29.57 22.62
CA GLY A 352 -20.43 -30.40 22.00
C GLY A 352 -21.08 -31.44 22.87
N PHE A 353 -20.91 -31.33 24.19
CA PHE A 353 -21.43 -32.30 25.13
C PHE A 353 -22.05 -31.61 26.35
N GLY A 354 -23.20 -32.12 26.79
CA GLY A 354 -23.79 -31.70 28.05
C GLY A 354 -24.37 -30.30 28.05
N ASN A 355 -24.50 -29.75 29.26
CA ASN A 355 -25.12 -28.45 29.43
C ASN A 355 -24.14 -27.30 29.19
N ASN A 356 -24.50 -26.43 28.27
CA ASN A 356 -23.78 -25.16 28.03
C ASN A 356 -22.30 -25.39 27.75
N PRO A 357 -21.97 -26.28 26.81
CA PRO A 357 -20.55 -26.55 26.54
C PRO A 357 -19.83 -25.35 25.91
N PRO A 358 -18.49 -25.31 25.97
CA PRO A 358 -17.77 -24.25 25.27
C PRO A 358 -18.04 -24.25 23.78
N GLN A 359 -18.22 -23.08 23.19
CA GLN A 359 -18.48 -22.95 21.77
C GLN A 359 -17.37 -22.27 20.99
N ARG A 360 -16.38 -21.70 21.67
CA ARG A 360 -15.28 -21.02 20.99
C ARG A 360 -13.93 -21.61 21.35
N PRO A 361 -13.76 -22.93 21.19
CA PRO A 361 -12.42 -23.46 21.51
C PRO A 361 -11.30 -22.85 20.66
N HIS A 362 -10.11 -22.72 21.25
CA HIS A 362 -8.95 -22.15 20.56
C HIS A 362 -8.43 -23.16 19.52
N HIS A 363 -9.11 -23.23 18.37
CA HIS A 363 -8.86 -24.32 17.43
C HIS A 363 -9.09 -23.79 16.02
N ARG A 364 -8.04 -23.76 15.22
CA ARG A 364 -8.12 -23.11 13.92
C ARG A 364 -9.13 -23.74 12.97
N THR A 365 -9.04 -25.06 12.80
CA THR A 365 -9.83 -25.68 11.72
C THR A 365 -11.29 -25.80 12.14
N ALA A 366 -11.56 -25.91 13.44
CA ALA A 366 -12.96 -25.94 13.87
C ALA A 366 -13.62 -24.58 13.73
N HIS A 367 -12.82 -23.51 13.86
CA HIS A 367 -13.32 -22.14 13.70
C HIS A 367 -13.76 -21.88 12.25
N GLY A 368 -12.88 -22.12 11.28
CA GLY A 368 -13.23 -21.99 9.88
C GLY A 368 -13.20 -20.56 9.36
N THR A 369 -12.12 -19.84 9.64
CA THR A 369 -11.96 -18.49 9.10
C THR A 369 -11.52 -18.53 7.63
N TRP A 370 -11.66 -17.39 6.96
CA TRP A 370 -11.13 -17.23 5.60
C TRP A 370 -10.09 -16.12 5.51
N LEU A 371 -9.88 -15.43 6.62
CA LEU A 371 -9.01 -14.24 6.56
C LEU A 371 -8.00 -14.03 7.70
N ASP A 372 -7.51 -15.14 8.25
CA ASP A 372 -6.41 -15.12 9.19
C ASP A 372 -6.77 -14.17 10.33
N LYS A 373 -8.01 -14.29 10.79
CA LYS A 373 -8.48 -13.64 12.01
C LYS A 373 -9.17 -14.61 12.95
N ARG A 374 -9.08 -14.36 14.26
CA ARG A 374 -9.87 -15.09 15.24
C ARG A 374 -11.30 -14.59 15.45
N ASP A 375 -11.53 -13.31 15.20
CA ASP A 375 -12.80 -12.69 15.56
C ASP A 375 -13.88 -12.86 14.49
N ILE A 376 -13.45 -13.24 13.29
CA ILE A 376 -14.36 -13.46 12.18
C ILE A 376 -14.03 -14.83 11.57
N PRO A 377 -15.02 -15.73 11.46
CA PRO A 377 -16.41 -15.53 11.84
C PRO A 377 -16.57 -15.47 13.35
N GLU A 378 -17.60 -14.78 13.83
CA GLU A 378 -17.80 -14.62 15.26
C GLU A 378 -18.26 -15.89 15.97
N LYS A 379 -18.78 -16.85 15.20
CA LYS A 379 -19.12 -18.17 15.71
C LYS A 379 -18.33 -19.22 14.93
N HIS A 380 -17.91 -20.27 15.62
CA HIS A 380 -17.24 -21.38 14.96
C HIS A 380 -18.16 -22.01 13.95
N ARG A 381 -17.61 -22.33 12.77
CA ARG A 381 -18.41 -22.99 11.75
C ARG A 381 -18.57 -24.47 12.01
N HIS A 382 -17.68 -25.05 12.82
CA HIS A 382 -17.73 -26.48 13.08
C HIS A 382 -17.76 -26.83 14.54
N VAL A 383 -18.28 -28.02 14.82
CA VAL A 383 -18.39 -28.49 16.21
C VAL A 383 -17.25 -29.44 16.55
N LEU A 384 -16.39 -29.02 17.45
CA LEU A 384 -15.23 -29.83 17.82
C LEU A 384 -15.66 -30.82 18.90
N TYR A 385 -16.58 -31.72 18.56
CA TYR A 385 -17.12 -32.64 19.56
C TYR A 385 -16.04 -33.36 20.37
N GLY A 386 -16.24 -33.39 21.68
CA GLY A 386 -15.38 -34.20 22.55
C GLY A 386 -14.17 -33.51 23.14
N ALA A 387 -13.82 -32.33 22.64
CA ALA A 387 -12.60 -31.65 23.11
C ALA A 387 -12.82 -31.17 24.54
N LEU A 388 -11.96 -31.64 25.44
CA LEU A 388 -11.85 -31.15 26.80
C LEU A 388 -11.00 -29.88 26.75
N VAL A 389 -11.61 -28.75 27.15
CA VAL A 389 -10.87 -27.47 27.11
C VAL A 389 -9.88 -27.35 28.28
N GLY A 390 -9.00 -26.36 28.27
CA GLY A 390 -8.11 -26.11 29.40
C GLY A 390 -8.87 -26.04 30.72
N GLY A 391 -9.92 -25.23 30.73
CA GLY A 391 -10.83 -25.17 31.87
C GLY A 391 -10.70 -23.86 32.63
N PRO A 392 -11.26 -23.81 33.85
CA PRO A 392 -11.38 -22.55 34.57
C PRO A 392 -10.08 -22.19 35.28
N GLY A 393 -10.03 -20.95 35.78
CA GLY A 393 -8.91 -20.52 36.62
C GLY A 393 -9.02 -21.09 38.01
N ARG A 394 -8.08 -20.69 38.86
CA ARG A 394 -7.97 -21.24 40.20
C ARG A 394 -9.19 -20.97 41.07
N ASP A 395 -10.00 -19.99 40.66
CA ASP A 395 -11.18 -19.61 41.42
C ASP A 395 -12.48 -20.05 40.72
N ASP A 396 -12.38 -21.02 39.82
CA ASP A 396 -13.50 -21.52 39.03
C ASP A 396 -13.98 -20.55 37.95
N SER A 397 -13.28 -19.44 37.72
CA SER A 397 -13.76 -18.47 36.74
C SER A 397 -13.44 -18.94 35.32
N TYR A 398 -14.30 -18.54 34.39
CA TYR A 398 -14.15 -18.99 33.01
C TYR A 398 -15.03 -18.12 32.11
N GLU A 399 -14.51 -17.77 30.94
CA GLU A 399 -15.34 -17.19 29.89
C GLU A 399 -14.98 -17.88 28.58
N ASP A 400 -16.01 -18.18 27.79
CA ASP A 400 -15.85 -18.88 26.52
C ASP A 400 -15.41 -17.89 25.46
N ASN A 401 -14.11 -17.85 25.19
CA ASN A 401 -13.50 -16.79 24.38
C ASN A 401 -12.40 -17.43 23.53
N ILE A 402 -12.52 -17.30 22.21
CA ILE A 402 -11.53 -17.86 21.30
C ILE A 402 -10.12 -17.33 21.57
N GLU A 403 -10.03 -16.13 22.15
CA GLU A 403 -8.74 -15.46 22.39
C GLU A 403 -8.05 -16.08 23.58
N ASP A 404 -8.81 -16.73 24.46
CA ASP A 404 -8.23 -17.31 25.68
C ASP A 404 -7.59 -18.65 25.35
N TYR A 405 -6.32 -18.61 24.93
CA TYR A 405 -5.60 -19.82 24.52
C TYR A 405 -5.13 -20.63 25.72
N VAL A 406 -5.44 -20.18 26.93
CA VAL A 406 -5.26 -20.99 28.13
C VAL A 406 -6.56 -21.74 28.47
N LYS A 407 -7.62 -21.01 28.84
CA LYS A 407 -8.85 -21.65 29.31
C LYS A 407 -9.58 -22.38 28.18
N ASN A 408 -9.45 -21.88 26.95
CA ASN A 408 -10.07 -22.54 25.79
C ASN A 408 -9.11 -23.31 24.90
N ALA A 409 -7.91 -23.57 25.41
CA ALA A 409 -7.00 -24.52 24.77
C ALA A 409 -7.65 -25.89 24.60
N VAL A 410 -7.27 -26.59 23.55
CA VAL A 410 -7.65 -27.99 23.37
C VAL A 410 -6.40 -28.71 22.84
N ALA A 411 -6.27 -30.00 23.12
CA ALA A 411 -5.07 -30.73 22.68
C ALA A 411 -5.25 -32.24 22.76
N CYS A 412 -4.47 -32.95 21.95
CA CYS A 412 -4.40 -34.40 22.05
C CYS A 412 -4.18 -34.88 23.50
N ASP A 413 -3.21 -34.29 24.21
CA ASP A 413 -2.90 -34.79 25.55
C ASP A 413 -4.01 -34.47 26.55
N TYR A 414 -4.78 -33.41 26.29
CA TYR A 414 -5.92 -33.08 27.16
C TYR A 414 -6.97 -34.20 27.15
N ASN A 415 -7.22 -34.76 25.97
CA ASN A 415 -8.24 -35.81 25.84
C ASN A 415 -7.78 -37.21 26.22
N ALA A 416 -6.49 -37.42 26.41
CA ALA A 416 -5.99 -38.79 26.40
C ALA A 416 -6.30 -39.56 27.69
N GLY A 417 -5.86 -39.03 28.82
CA GLY A 417 -6.17 -39.60 30.12
C GLY A 417 -7.68 -39.58 30.34
N PHE A 418 -8.31 -38.51 29.89
CA PHE A 418 -9.76 -38.32 29.98
C PHE A 418 -10.49 -39.49 29.33
N VAL A 419 -10.05 -39.91 28.14
CA VAL A 419 -10.66 -41.08 27.50
C VAL A 419 -10.60 -42.32 28.40
N GLY A 420 -9.44 -42.54 29.02
CA GLY A 420 -9.30 -43.69 29.92
C GLY A 420 -10.29 -43.65 31.08
N ALA A 421 -10.42 -42.47 31.70
CA ALA A 421 -11.33 -42.33 32.83
C ALA A 421 -12.78 -42.49 32.39
N LEU A 422 -13.12 -42.00 31.19
CA LEU A 422 -14.47 -42.19 30.69
C LEU A 422 -14.77 -43.65 30.36
N CYS A 423 -13.75 -44.37 29.91
CA CYS A 423 -13.88 -45.82 29.72
C CYS A 423 -14.24 -46.48 31.05
N ARG A 424 -13.53 -46.11 32.12
CA ARG A 424 -13.82 -46.69 33.44
C ARG A 424 -15.27 -46.40 33.88
N LEU A 425 -15.72 -45.17 33.71
CA LEU A 425 -17.08 -44.81 34.14
C LEU A 425 -18.19 -45.41 33.30
N THR A 426 -18.02 -45.46 31.98
CA THR A 426 -19.03 -46.13 31.17
CA THR A 426 -18.91 -46.16 31.05
C THR A 426 -19.05 -47.64 31.42
N ALA A 427 -17.90 -48.23 31.74
CA ALA A 427 -17.82 -49.64 32.11
C ALA A 427 -18.73 -49.91 33.30
N GLU A 428 -18.75 -48.96 34.25
CA GLU A 428 -19.54 -49.16 35.45
C GLU A 428 -20.99 -48.73 35.32
N TYR A 429 -21.25 -47.62 34.65
CA TYR A 429 -22.58 -47.04 34.63
C TYR A 429 -23.35 -47.23 33.32
N GLY A 430 -22.67 -47.72 32.29
CA GLY A 430 -23.28 -47.92 30.98
C GLY A 430 -23.54 -46.59 30.30
N GLY A 431 -24.73 -46.48 29.71
CA GLY A 431 -25.12 -45.30 28.96
C GLY A 431 -25.27 -45.66 27.50
N THR A 432 -26.10 -44.90 26.80
CA THR A 432 -26.37 -45.18 25.39
C THR A 432 -25.63 -44.14 24.55
N PRO A 433 -24.75 -44.59 23.64
CA PRO A 433 -24.14 -43.57 22.78
C PRO A 433 -25.18 -42.95 21.83
N LEU A 434 -24.84 -41.82 21.23
CA LEU A 434 -25.79 -41.16 20.33
C LEU A 434 -25.82 -41.89 18.98
N ALA A 435 -27.02 -42.22 18.51
CA ALA A 435 -27.13 -42.87 17.20
C ALA A 435 -27.00 -41.76 16.16
N ASN A 436 -26.61 -42.08 14.93
CA ASN A 436 -26.59 -40.99 13.95
C ASN A 436 -25.56 -39.91 14.28
N PHE A 437 -24.56 -40.22 15.10
CA PHE A 437 -23.55 -39.22 15.46
C PHE A 437 -22.35 -39.35 14.53
N PRO A 438 -21.85 -38.25 13.96
CA PRO A 438 -22.30 -36.88 14.23
C PRO A 438 -23.38 -36.45 13.26
N PRO A 439 -24.27 -35.55 13.70
CA PRO A 439 -25.30 -35.04 12.80
C PRO A 439 -24.70 -34.02 11.83
N PRO A 440 -25.35 -33.82 10.68
CA PRO A 440 -24.77 -32.89 9.72
C PRO A 440 -24.84 -31.44 10.20
N GLU A 441 -23.83 -30.66 9.83
CA GLU A 441 -23.80 -29.22 10.13
C GLU A 441 -24.58 -28.38 9.11
N GLN A 442 -25.11 -27.26 9.59
CA GLN A 442 -25.60 -26.20 8.71
C GLN A 442 -24.40 -25.57 8.04
N ARG A 443 -24.43 -25.50 6.72
CA ARG A 443 -23.30 -24.93 6.00
C ARG A 443 -23.70 -23.54 5.52
N ASP A 444 -22.70 -22.69 5.30
CA ASP A 444 -22.96 -21.44 4.59
C ASP A 444 -22.29 -21.47 3.22
N ASP A 445 -22.53 -20.45 2.40
CA ASP A 445 -22.00 -20.47 1.05
C ASP A 445 -20.48 -20.39 1.07
N GLU A 446 -19.84 -21.20 0.24
CA GLU A 446 -18.38 -21.31 0.28
C GLU A 446 -17.67 -20.62 -0.87
N PHE A 447 -18.19 -20.81 -2.08
CA PHE A 447 -17.65 -20.16 -3.27
C PHE A 447 -18.75 -19.29 -3.86
N PHE A 448 -18.49 -18.01 -4.02
CA PHE A 448 -19.53 -17.10 -4.51
C PHE A 448 -18.88 -15.80 -4.93
N VAL A 449 -19.56 -15.03 -5.78
CA VAL A 449 -19.08 -13.69 -6.12
C VAL A 449 -19.77 -12.65 -5.24
N GLU A 450 -19.00 -11.67 -4.77
CA GLU A 450 -19.57 -10.42 -4.27
C GLU A 450 -19.32 -9.38 -5.37
N ALA A 451 -20.34 -8.59 -5.68
CA ALA A 451 -20.21 -7.60 -6.75
C ALA A 451 -20.87 -6.27 -6.39
N ALA A 452 -20.40 -5.21 -7.03
CA ALA A 452 -20.99 -3.89 -6.88
C ALA A 452 -20.91 -3.21 -8.23
N ILE A 453 -21.78 -2.23 -8.43
CA ILE A 453 -21.70 -1.37 -9.61
C ILE A 453 -20.61 -0.33 -9.31
N ASN A 454 -19.48 -0.47 -9.99
CA ASN A 454 -18.34 0.41 -9.73
C ASN A 454 -18.56 1.77 -10.37
N GLN A 455 -19.16 1.74 -11.55
CA GLN A 455 -19.52 2.95 -12.28
C GLN A 455 -20.62 2.57 -13.26
N ALA A 456 -21.68 3.40 -13.30
CA ALA A 456 -22.70 3.30 -14.34
C ALA A 456 -22.63 4.55 -15.23
N SER A 457 -23.04 4.39 -16.48
CA SER A 457 -22.94 5.45 -17.47
C SER A 457 -24.02 5.20 -18.51
N ASP A 458 -24.43 6.24 -19.24
CA ASP A 458 -25.42 5.96 -20.26
C ASP A 458 -24.89 5.09 -21.41
N HIS A 459 -23.59 4.79 -21.41
CA HIS A 459 -23.07 3.85 -22.41
C HIS A 459 -22.26 2.66 -21.86
N PHE A 460 -22.26 2.43 -20.55
CA PHE A 460 -21.53 1.27 -20.02
C PHE A 460 -21.93 0.89 -18.61
N THR A 461 -21.59 -0.35 -18.25
CA THR A 461 -21.67 -0.84 -16.88
C THR A 461 -20.27 -1.24 -16.48
N GLU A 462 -19.79 -0.78 -15.32
CA GLU A 462 -18.52 -1.28 -14.82
C GLU A 462 -18.77 -1.95 -13.47
N ILE A 463 -18.33 -3.20 -13.36
CA ILE A 463 -18.60 -4.03 -12.20
C ILE A 463 -17.31 -4.24 -11.42
N LYS A 464 -17.38 -4.13 -10.09
CA LYS A 464 -16.32 -4.64 -9.22
C LYS A 464 -16.78 -6.00 -8.71
N ALA A 465 -16.00 -7.05 -8.98
CA ALA A 465 -16.38 -8.42 -8.64
C ALA A 465 -15.27 -9.12 -7.85
N LEU A 466 -15.62 -9.68 -6.71
CA LEU A 466 -14.69 -10.45 -5.88
C LEU A 466 -15.14 -11.91 -5.89
N LEU A 467 -14.35 -12.79 -6.50
CA LEU A 467 -14.68 -14.23 -6.49
C LEU A 467 -14.09 -14.82 -5.20
N ASN A 468 -14.97 -15.31 -4.32
CA ASN A 468 -14.57 -15.73 -2.98
C ASN A 468 -14.39 -17.23 -2.84
N ASN A 469 -13.42 -17.65 -2.03
CA ASN A 469 -13.30 -19.02 -1.55
C ASN A 469 -13.29 -18.92 -0.03
N ARG A 470 -14.47 -19.07 0.57
CA ARG A 470 -14.54 -19.17 2.03
C ARG A 470 -14.94 -20.60 2.41
N SER A 471 -14.38 -21.57 1.69
CA SER A 471 -14.71 -22.98 1.92
C SER A 471 -14.33 -23.43 3.33
N SER A 472 -15.11 -24.38 3.84
CA SER A 472 -14.94 -24.90 5.20
C SER A 472 -15.47 -26.32 5.45
N TRP A 473 -16.17 -26.90 4.48
CA TRP A 473 -16.75 -28.24 4.65
C TRP A 473 -16.30 -29.24 3.58
N PRO A 474 -15.00 -29.57 3.53
CA PRO A 474 -13.88 -28.98 4.27
C PRO A 474 -13.32 -27.77 3.52
N ALA A 475 -12.46 -26.99 4.18
CA ALA A 475 -11.67 -25.99 3.46
C ALA A 475 -10.96 -26.70 2.31
N ARG A 476 -10.95 -26.07 1.14
CA ARG A 476 -10.41 -26.76 -0.04
C ARG A 476 -10.00 -25.78 -1.12
N LEU A 477 -9.31 -26.29 -2.14
CA LEU A 477 -8.77 -25.51 -3.26
C LEU A 477 -9.41 -26.01 -4.54
N ILE A 478 -9.92 -25.09 -5.35
CA ILE A 478 -10.47 -25.40 -6.68
C ILE A 478 -9.65 -24.63 -7.72
N LYS A 479 -9.05 -25.38 -8.64
CA LYS A 479 -8.25 -24.79 -9.71
C LYS A 479 -9.08 -24.11 -10.81
N ASP A 480 -10.11 -24.79 -11.33
CA ASP A 480 -10.78 -24.31 -12.53
C ASP A 480 -12.00 -23.45 -12.19
N LEU A 481 -11.74 -22.34 -11.49
CA LEU A 481 -12.83 -21.46 -11.08
C LEU A 481 -13.18 -20.47 -12.18
N SER A 482 -14.48 -20.22 -12.40
CA SER A 482 -14.92 -19.14 -13.26
C SER A 482 -16.27 -18.62 -12.78
N TYR A 483 -16.65 -17.45 -13.29
CA TYR A 483 -18.02 -16.99 -13.08
C TYR A 483 -18.49 -16.29 -14.35
N ASN A 484 -19.81 -16.15 -14.49
CA ASN A 484 -20.38 -15.54 -15.68
C ASN A 484 -21.17 -14.30 -15.32
N TYR A 485 -21.13 -13.30 -16.22
CA TYR A 485 -21.96 -12.12 -16.10
C TYR A 485 -22.87 -12.12 -17.33
N TYR A 486 -24.17 -12.28 -17.10
CA TYR A 486 -25.17 -12.36 -18.17
C TYR A 486 -25.84 -11.02 -18.42
N MET A 487 -26.04 -10.72 -19.70
CA MET A 487 -26.68 -9.49 -20.11
C MET A 487 -27.78 -9.80 -21.14
N ASP A 488 -28.71 -8.87 -21.30
CA ASP A 488 -29.73 -8.97 -22.34
C ASP A 488 -29.41 -7.84 -23.30
N LEU A 489 -29.11 -8.18 -24.54
CA LEU A 489 -28.74 -7.19 -25.54
C LEU A 489 -29.88 -6.75 -26.45
N THR A 490 -31.12 -7.00 -26.03
CA THR A 490 -32.26 -6.59 -26.86
C THR A 490 -32.19 -5.12 -27.28
N GLU A 491 -31.87 -4.23 -26.35
CA GLU A 491 -31.82 -2.79 -26.62
C GLU A 491 -30.70 -2.40 -27.60
N VAL A 492 -29.64 -3.19 -27.62
CA VAL A 492 -28.52 -2.97 -28.53
C VAL A 492 -28.96 -3.22 -29.97
N PHE A 493 -29.60 -4.36 -30.20
CA PHE A 493 -30.10 -4.74 -31.50
C PHE A 493 -31.24 -3.84 -31.96
N GLU A 494 -32.10 -3.41 -31.04
CA GLU A 494 -33.16 -2.47 -31.41
C GLU A 494 -32.63 -1.12 -31.85
N ALA A 495 -31.52 -0.66 -31.27
CA ALA A 495 -30.86 0.58 -31.67
C ALA A 495 -30.10 0.48 -32.99
N GLY A 496 -29.98 -0.74 -33.52
CA GLY A 496 -29.31 -0.95 -34.80
C GLY A 496 -27.86 -1.40 -34.66
N TYR A 497 -27.46 -1.77 -33.45
CA TYR A 497 -26.07 -2.12 -33.16
C TYR A 497 -25.93 -3.63 -33.04
N SER A 498 -24.69 -4.10 -32.90
CA SER A 498 -24.45 -5.54 -32.82
C SER A 498 -23.52 -5.86 -31.65
N VAL A 499 -23.27 -7.14 -31.43
CA VAL A 499 -22.37 -7.57 -30.36
C VAL A 499 -20.96 -7.03 -30.57
N ASP A 500 -20.57 -6.90 -31.83
CA ASP A 500 -19.28 -6.31 -32.20
C ASP A 500 -19.09 -4.88 -31.71
N ASP A 501 -20.19 -4.18 -31.41
CA ASP A 501 -20.16 -2.79 -30.98
C ASP A 501 -20.04 -2.67 -29.46
N ILE A 502 -19.99 -3.81 -28.78
CA ILE A 502 -19.88 -3.81 -27.32
C ILE A 502 -18.45 -4.24 -26.92
N LYS A 503 -17.76 -3.39 -26.16
CA LYS A 503 -16.35 -3.57 -25.82
C LYS A 503 -16.22 -3.93 -24.35
N VAL A 504 -15.41 -4.94 -24.07
CA VAL A 504 -15.03 -5.34 -22.70
C VAL A 504 -13.61 -4.89 -22.37
N THR A 505 -13.47 -4.11 -21.31
CA THR A 505 -12.17 -3.62 -20.86
C THR A 505 -12.02 -3.92 -19.37
N ILE A 506 -10.81 -3.78 -18.86
CA ILE A 506 -10.50 -4.05 -17.46
C ILE A 506 -9.99 -2.76 -16.82
N GLY A 507 -10.48 -2.48 -15.62
CA GLY A 507 -10.07 -1.29 -14.90
C GLY A 507 -9.17 -1.60 -13.71
N TYR A 508 -9.13 -2.86 -13.29
CA TYR A 508 -8.24 -3.28 -12.21
C TYR A 508 -8.24 -4.80 -12.23
N CYS A 509 -7.07 -5.39 -12.11
CA CYS A 509 -7.04 -6.83 -11.90
C CYS A 509 -5.96 -7.14 -10.87
N GLU A 510 -6.40 -7.82 -9.82
CA GLU A 510 -5.57 -8.05 -8.64
C GLU A 510 -4.28 -8.81 -8.93
N SER A 511 -3.18 -8.32 -8.38
CA SER A 511 -1.86 -8.88 -8.64
C SER A 511 -1.76 -10.38 -8.34
N GLY A 512 -1.20 -11.14 -9.27
CA GLY A 512 -0.93 -12.57 -9.08
C GLY A 512 -2.10 -13.52 -9.27
N MET A 513 -3.20 -12.99 -9.77
CA MET A 513 -4.38 -13.81 -10.07
C MET A 513 -4.53 -13.87 -11.57
N ASP A 514 -3.89 -14.85 -12.21
CA ASP A 514 -3.91 -15.04 -13.66
C ASP A 514 -5.36 -15.21 -14.11
N VAL A 515 -5.84 -14.30 -14.96
CA VAL A 515 -7.27 -14.25 -15.28
C VAL A 515 -7.49 -14.04 -16.77
N GLU A 516 -8.54 -14.66 -17.28
CA GLU A 516 -8.97 -14.39 -18.65
C GLU A 516 -10.45 -14.05 -18.66
N ILE A 517 -10.82 -13.21 -19.62
CA ILE A 517 -12.22 -12.85 -19.82
CA ILE A 517 -12.20 -12.80 -19.83
C ILE A 517 -12.57 -13.23 -21.25
N SER A 518 -13.66 -13.98 -21.38
CA SER A 518 -14.09 -14.48 -22.67
C SER A 518 -14.65 -13.35 -23.52
N PRO A 519 -14.69 -13.54 -24.85
CA PRO A 519 -15.52 -12.68 -25.68
C PRO A 519 -16.99 -12.79 -25.23
N ILE A 520 -17.78 -11.78 -25.60
CA ILE A 520 -19.21 -11.81 -25.33
C ILE A 520 -19.80 -12.98 -26.11
N THR A 521 -20.45 -13.88 -25.37
CA THR A 521 -20.83 -15.18 -25.90
C THR A 521 -22.34 -15.38 -25.86
N HIS A 522 -22.88 -15.95 -26.93
CA HIS A 522 -24.32 -16.15 -27.02
C HIS A 522 -24.82 -17.28 -26.12
N LEU A 523 -25.88 -17.03 -25.37
CA LEU A 523 -26.51 -18.11 -24.61
C LEU A 523 -27.75 -18.61 -25.37
N TYR A 524 -28.81 -17.81 -25.38
CA TYR A 524 -30.01 -18.08 -26.16
C TYR A 524 -30.78 -16.76 -26.34
N ASP A 525 -31.62 -16.67 -27.37
CA ASP A 525 -32.39 -15.45 -27.64
C ASP A 525 -31.46 -14.23 -27.69
N ASN A 526 -31.77 -13.20 -26.93
CA ASN A 526 -30.91 -12.02 -26.84
C ASN A 526 -30.01 -12.00 -25.60
N ILE A 527 -29.90 -13.14 -24.94
CA ILE A 527 -29.10 -13.29 -23.72
C ILE A 527 -27.68 -13.72 -24.06
N TYR A 528 -26.71 -12.95 -23.56
CA TYR A 528 -25.30 -13.20 -23.81
C TYR A 528 -24.54 -13.11 -22.49
N TYR A 529 -23.29 -13.58 -22.48
CA TYR A 529 -22.51 -13.49 -21.24
C TYR A 529 -21.02 -13.36 -21.50
N ILE A 530 -20.29 -12.92 -20.49
CA ILE A 530 -18.84 -13.10 -20.49
C ILE A 530 -18.52 -14.04 -19.35
N LYS A 531 -17.48 -14.84 -19.54
CA LYS A 531 -16.95 -15.68 -18.48
C LYS A 531 -15.60 -15.15 -18.05
N ILE A 532 -15.44 -15.03 -16.74
CA ILE A 532 -14.19 -14.60 -16.14
C ILE A 532 -13.59 -15.89 -15.57
N SER A 533 -12.44 -16.31 -16.08
CA SER A 533 -11.80 -17.55 -15.62
C SER A 533 -10.46 -17.32 -14.93
N TYR A 534 -10.32 -17.87 -13.72
CA TYR A 534 -9.04 -17.87 -13.05
C TYR A 534 -8.28 -19.16 -13.36
N ILE A 535 -7.17 -18.99 -14.06
CA ILE A 535 -6.45 -20.15 -14.60
C ILE A 535 -5.91 -21.05 -13.49
N ASP A 536 -5.39 -20.43 -12.43
CA ASP A 536 -5.01 -21.18 -11.24
C ASP A 536 -5.84 -20.68 -10.05
N GLY A 537 -7.09 -21.12 -9.99
CA GLY A 537 -8.00 -20.68 -8.95
C GLY A 537 -7.57 -21.13 -7.58
N THR A 538 -6.59 -22.02 -7.44
CA THR A 538 -6.14 -22.38 -6.08
C THR A 538 -5.52 -21.21 -5.32
N ASN A 539 -5.16 -20.18 -6.08
CA ASN A 539 -4.66 -18.95 -5.46
C ASN A 539 -5.77 -18.10 -4.83
N ILE A 540 -7.03 -18.45 -5.07
CA ILE A 540 -8.14 -17.92 -4.28
C ILE A 540 -8.40 -18.91 -3.15
N CYS A 541 -8.03 -18.57 -1.94
CA CYS A 541 -7.98 -19.55 -0.86
C CYS A 541 -8.12 -18.83 0.48
N PRO A 542 -8.74 -19.50 1.45
CA PRO A 542 -9.12 -18.82 2.69
C PRO A 542 -7.96 -18.71 3.67
N ILE A 543 -6.91 -17.98 3.29
CA ILE A 543 -5.68 -17.98 4.08
C ILE A 543 -5.28 -16.59 4.58
N GLY A 544 -6.10 -15.58 4.26
CA GLY A 544 -5.77 -14.21 4.63
C GLY A 544 -6.65 -13.18 3.93
N GLN A 545 -6.47 -11.93 4.31
CA GLN A 545 -7.32 -10.83 3.84
C GLN A 545 -7.19 -10.64 2.34
N GLU A 546 -5.98 -10.84 1.83
CA GLU A 546 -5.77 -10.64 0.40
C GLU A 546 -6.14 -11.86 -0.44
N GLN A 547 -6.01 -13.07 0.11
CA GLN A 547 -6.11 -14.26 -0.74
C GLN A 547 -7.52 -14.85 -0.84
N TYR A 548 -8.44 -14.51 0.06
CA TYR A 548 -9.73 -15.22 0.05
C TYR A 548 -10.66 -14.87 -1.10
N ALA A 549 -10.37 -13.76 -1.75
CA ALA A 549 -11.15 -13.35 -2.92
C ALA A 549 -10.23 -12.69 -3.93
N ALA A 550 -10.53 -12.91 -5.22
CA ALA A 550 -9.79 -12.24 -6.29
C ALA A 550 -10.67 -11.13 -6.83
N GLU A 551 -10.12 -9.91 -6.85
CA GLU A 551 -10.87 -8.74 -7.33
C GLU A 551 -10.59 -8.45 -8.79
N LEU A 552 -11.66 -8.21 -9.54
CA LEU A 552 -11.54 -7.76 -10.92
C LEU A 552 -12.50 -6.61 -11.09
N GLN A 553 -12.10 -5.55 -11.79
CA GLN A 553 -13.06 -4.54 -12.23
C GLN A 553 -13.16 -4.59 -13.74
N PHE A 554 -14.36 -4.88 -14.27
CA PHE A 554 -14.51 -5.01 -15.72
C PHE A 554 -15.60 -4.09 -16.22
N ARG A 555 -15.41 -3.62 -17.45
CA ARG A 555 -16.33 -2.63 -18.00
C ARG A 555 -16.89 -3.21 -19.30
N ILE A 556 -18.22 -3.11 -19.44
CA ILE A 556 -18.91 -3.59 -20.64
C ILE A 556 -19.59 -2.36 -21.19
N ALA A 557 -19.18 -1.97 -22.40
CA ALA A 557 -19.45 -0.62 -22.92
C ALA A 557 -19.92 -0.66 -24.36
N ALA A 558 -21.03 0.05 -24.60
CA ALA A 558 -21.42 0.47 -25.94
C ALA A 558 -20.53 1.66 -26.32
N PRO A 559 -20.57 2.09 -27.60
CA PRO A 559 -19.68 3.19 -27.94
C PRO A 559 -19.99 4.48 -27.18
N GLN A 560 -18.94 5.26 -26.85
CA GLN A 560 -19.13 6.56 -26.20
C GLN A 560 -20.12 7.39 -27.01
N GLY A 561 -21.06 8.05 -26.36
CA GLY A 561 -22.00 8.91 -27.11
C GLY A 561 -23.35 8.29 -27.39
N THR A 562 -23.41 6.95 -27.38
CA THR A 562 -24.68 6.23 -27.51
C THR A 562 -25.52 6.30 -26.24
N LYS A 563 -26.83 6.09 -26.39
CA LYS A 563 -27.77 6.33 -25.31
C LYS A 563 -28.75 5.17 -25.13
N PHE A 564 -28.40 4.00 -25.65
CA PHE A 564 -29.33 2.86 -25.59
C PHE A 564 -29.04 1.84 -24.48
N TRP A 565 -27.79 1.79 -24.03
CA TRP A 565 -27.33 0.78 -23.07
C TRP A 565 -28.31 0.71 -21.90
N ASP A 566 -28.83 -0.49 -21.64
CA ASP A 566 -29.81 -0.69 -20.57
C ASP A 566 -29.37 -1.88 -19.70
N PRO A 567 -28.77 -1.59 -18.55
CA PRO A 567 -28.35 -2.71 -17.71
C PRO A 567 -29.52 -3.29 -16.90
N THR A 568 -30.64 -2.58 -16.85
CA THR A 568 -31.76 -3.00 -16.00
C THR A 568 -32.47 -4.25 -16.49
N ASN A 569 -32.25 -4.66 -17.74
CA ASN A 569 -32.76 -5.95 -18.17
C ASN A 569 -31.71 -7.07 -18.23
N ASP A 570 -30.53 -6.81 -17.67
CA ASP A 570 -29.45 -7.80 -17.64
C ASP A 570 -29.54 -8.66 -16.37
N PHE A 571 -29.56 -9.96 -16.57
CA PHE A 571 -29.73 -10.94 -15.49
C PHE A 571 -28.70 -10.74 -14.39
N SER A 572 -27.44 -10.52 -14.73
CA SER A 572 -26.44 -10.38 -13.67
C SER A 572 -26.41 -9.02 -12.94
N TYR A 573 -27.17 -8.03 -13.41
CA TYR A 573 -27.22 -6.71 -12.78
C TYR A 573 -28.27 -6.67 -11.65
N GLN A 574 -29.12 -7.70 -11.61
CA GLN A 574 -30.27 -7.70 -10.71
C GLN A 574 -29.81 -7.56 -9.29
N GLY A 575 -30.34 -6.57 -8.58
CA GLY A 575 -30.07 -6.39 -7.16
C GLY A 575 -28.74 -5.75 -6.79
N LEU A 576 -27.90 -5.45 -7.77
CA LEU A 576 -26.61 -4.84 -7.48
C LEU A 576 -26.78 -3.39 -7.03
N THR A 577 -25.92 -2.97 -6.10
CA THR A 577 -25.85 -1.59 -5.64
C THR A 577 -24.42 -1.11 -5.81
N ARG A 578 -24.12 0.07 -5.28
CA ARG A 578 -22.75 0.56 -5.24
C ARG A 578 -21.88 -0.06 -4.14
N GLU A 579 -22.48 -0.85 -3.25
CA GLU A 579 -21.76 -1.55 -2.18
C GLU A 579 -21.62 -3.03 -2.53
N LEU A 580 -20.45 -3.60 -2.26
CA LEU A 580 -20.22 -5.02 -2.55
C LEU A 580 -21.21 -5.87 -1.75
N ALA A 581 -21.76 -6.88 -2.42
CA ALA A 581 -22.69 -7.82 -1.80
C ALA A 581 -22.63 -9.12 -2.58
N LYS A 582 -22.80 -10.23 -1.86
CA LYS A 582 -22.92 -11.54 -2.51
C LYS A 582 -24.09 -11.49 -3.49
N THR A 583 -23.88 -12.04 -4.67
CA THR A 583 -24.95 -12.17 -5.66
C THR A 583 -25.03 -13.58 -6.23
N LYS A 584 -26.25 -14.09 -6.33
CA LYS A 584 -26.48 -15.41 -6.89
C LYS A 584 -26.63 -15.34 -8.41
N TYR A 585 -26.63 -14.12 -8.95
CA TYR A 585 -26.85 -13.93 -10.38
C TYR A 585 -25.57 -13.85 -11.20
N MET A 586 -24.43 -14.02 -10.54
CA MET A 586 -23.15 -14.20 -11.21
C MET A 586 -22.61 -15.56 -10.79
N PRO A 587 -23.17 -16.64 -11.38
CA PRO A 587 -22.92 -17.99 -10.87
C PRO A 587 -21.46 -18.39 -11.00
N VAL A 588 -21.02 -19.25 -10.08
CA VAL A 588 -19.63 -19.70 -10.05
C VAL A 588 -19.59 -21.15 -10.54
N PHE A 589 -18.54 -21.47 -11.29
CA PHE A 589 -18.36 -22.79 -11.89
C PHE A 589 -17.01 -23.36 -11.48
N ASP A 590 -16.99 -24.67 -11.24
CA ASP A 590 -15.76 -25.44 -11.13
C ASP A 590 -15.70 -26.29 -12.40
N GLY A 591 -14.77 -25.97 -13.31
CA GLY A 591 -14.81 -26.51 -14.66
C GLY A 591 -16.18 -26.18 -15.25
N ALA A 592 -16.84 -27.18 -15.84
CA ALA A 592 -18.19 -27.00 -16.37
C ALA A 592 -19.33 -27.20 -15.37
N THR A 593 -19.03 -27.43 -14.10
CA THR A 593 -20.07 -27.68 -13.11
C THR A 593 -20.42 -26.41 -12.34
N LYS A 594 -21.69 -26.00 -12.34
CA LYS A 594 -22.07 -24.85 -11.55
C LYS A 594 -22.05 -25.22 -10.06
N ILE A 595 -21.32 -24.44 -9.26
CA ILE A 595 -21.22 -24.69 -7.83
C ILE A 595 -21.93 -23.66 -6.96
N PHE A 596 -22.29 -22.50 -7.53
CA PHE A 596 -23.11 -21.54 -6.82
C PHE A 596 -23.92 -20.67 -7.77
N GLY A 597 -25.13 -20.32 -7.37
CA GLY A 597 -25.89 -19.28 -8.08
C GLY A 597 -26.91 -19.82 -9.08
N GLU A 598 -27.39 -18.93 -9.95
CA GLU A 598 -28.43 -19.23 -10.91
C GLU A 598 -28.04 -18.76 -12.31
N VAL A 599 -28.65 -19.37 -13.32
CA VAL A 599 -28.39 -19.05 -14.72
C VAL A 599 -29.72 -18.58 -15.34
N PRO A 600 -29.66 -17.70 -16.36
CA PRO A 600 -30.90 -17.26 -17.01
C PRO A 600 -31.75 -18.44 -17.48
N GLY A 601 -33.04 -18.38 -17.18
CA GLY A 601 -33.98 -19.44 -17.56
C GLY A 601 -33.89 -20.70 -16.72
N GLY A 602 -33.03 -20.70 -15.72
CA GLY A 602 -32.88 -21.81 -14.77
C GLY A 602 -32.39 -23.12 -15.37
N SER B 4 30.49 46.02 -19.26
CA SER B 4 31.46 44.96 -18.87
C SER B 4 30.94 43.58 -19.29
N TYR B 5 29.75 43.58 -19.87
CA TYR B 5 29.02 42.36 -20.18
C TYR B 5 28.38 42.65 -21.53
N ASN B 6 27.85 41.62 -22.16
CA ASN B 6 27.03 41.85 -23.33
C ASN B 6 25.62 42.07 -22.82
N TYR B 7 25.30 43.34 -22.60
CA TYR B 7 23.98 43.70 -22.07
C TYR B 7 22.85 43.39 -23.04
N ALA B 8 23.15 43.35 -24.34
CA ALA B 8 22.14 43.00 -25.33
C ALA B 8 21.75 41.54 -25.19
N GLU B 9 22.73 40.65 -25.01
CA GLU B 9 22.43 39.24 -24.81
C GLU B 9 21.71 39.08 -23.48
N ALA B 10 22.16 39.78 -22.44
CA ALA B 10 21.42 39.70 -21.18
C ALA B 10 19.95 40.11 -21.37
N LEU B 11 19.71 41.22 -22.06
CA LEU B 11 18.36 41.70 -22.33
C LEU B 11 17.55 40.68 -23.13
N GLN B 12 18.17 40.17 -24.19
CA GLN B 12 17.51 39.15 -25.01
C GLN B 12 16.97 37.99 -24.19
N LYS B 13 17.82 37.49 -23.29
CA LYS B 13 17.43 36.36 -22.44
C LYS B 13 16.43 36.76 -21.36
N ALA B 14 16.60 37.93 -20.76
CA ALA B 14 15.72 38.38 -19.68
C ALA B 14 14.29 38.56 -20.21
N ILE B 15 14.15 38.86 -21.51
CA ILE B 15 12.82 38.96 -22.13
C ILE B 15 12.24 37.56 -22.42
N TYR B 16 13.10 36.68 -22.92
CA TYR B 16 12.70 35.31 -23.24
C TYR B 16 12.14 34.60 -22.03
N PHE B 17 12.67 34.92 -20.84
CA PHE B 17 12.12 34.39 -19.60
C PHE B 17 10.59 34.46 -19.58
N TYR B 18 10.02 35.59 -20.01
CA TYR B 18 8.57 35.74 -19.98
C TYR B 18 7.85 34.74 -20.88
N GLU B 19 8.48 34.36 -21.99
CA GLU B 19 7.88 33.31 -22.84
C GLU B 19 7.80 31.96 -22.12
N CYS B 20 8.77 31.69 -21.26
CA CYS B 20 8.75 30.48 -20.44
C CYS B 20 7.58 30.46 -19.45
N GLN B 21 7.07 31.64 -19.12
CA GLN B 21 6.02 31.83 -18.12
C GLN B 21 4.61 31.85 -18.71
N GLN B 22 4.48 31.81 -20.03
CA GLN B 22 3.15 32.03 -20.62
C GLN B 22 2.18 30.87 -20.40
N ALA B 23 0.98 31.21 -19.96
CA ALA B 23 -0.10 30.23 -19.84
C ALA B 23 -0.78 30.07 -21.20
N GLY B 24 -1.53 28.98 -21.37
CA GLY B 24 -2.13 28.72 -22.67
C GLY B 24 -3.33 29.64 -22.91
N PRO B 25 -3.65 29.89 -24.19
CA PRO B 25 -2.97 29.37 -25.37
C PRO B 25 -1.75 30.21 -25.71
N LEU B 26 -0.66 29.53 -26.03
CA LEU B 26 0.58 30.22 -26.35
C LEU B 26 0.42 30.97 -27.66
N PRO B 27 1.07 32.14 -27.79
CA PRO B 27 1.07 32.81 -29.08
C PRO B 27 1.91 32.01 -30.07
N GLU B 28 1.66 32.21 -31.36
CA GLU B 28 2.40 31.45 -32.36
C GLU B 28 3.91 31.68 -32.35
N TRP B 29 4.31 32.86 -31.89
CA TRP B 29 5.73 33.27 -31.83
C TRP B 29 6.48 32.82 -30.58
N ASN B 30 5.80 32.14 -29.65
CA ASN B 30 6.51 31.60 -28.47
C ASN B 30 7.73 30.75 -28.88
N ARG B 31 8.89 31.06 -28.30
CA ARG B 31 10.16 30.50 -28.76
C ARG B 31 10.65 29.33 -27.90
N VAL B 32 9.81 28.86 -26.99
CA VAL B 32 10.23 27.87 -26.00
C VAL B 32 9.76 26.45 -26.32
N GLU B 33 10.69 25.60 -26.74
CA GLU B 33 10.31 24.29 -27.28
C GLU B 33 9.69 23.37 -26.23
N TRP B 34 9.96 23.67 -24.97
CA TRP B 34 9.46 22.85 -23.87
C TRP B 34 8.20 23.45 -23.25
N ARG B 35 7.57 24.40 -23.94
CA ARG B 35 6.27 24.89 -23.47
C ARG B 35 5.18 24.64 -24.50
N GLY B 36 4.03 24.19 -24.02
CA GLY B 36 2.84 23.96 -24.83
C GLY B 36 1.67 24.70 -24.22
N ASP B 37 0.50 24.61 -24.85
CA ASP B 37 -0.70 25.19 -24.27
C ASP B 37 -0.89 24.49 -22.94
N ALA B 38 -1.11 25.27 -21.90
CA ALA B 38 -1.31 24.72 -20.57
C ALA B 38 -2.47 25.48 -19.95
N THR B 39 -3.08 24.83 -18.95
CA THR B 39 -4.15 25.43 -18.14
C THR B 39 -5.23 26.02 -19.03
N MET B 40 -5.60 25.27 -20.07
CA MET B 40 -6.64 25.71 -20.99
C MET B 40 -8.05 25.71 -20.40
N ASN B 41 -8.26 25.15 -19.22
CA ASN B 41 -9.57 25.26 -18.58
C ASN B 41 -9.68 26.46 -17.64
N ASP B 42 -8.65 27.29 -17.54
CA ASP B 42 -8.71 28.45 -16.66
C ASP B 42 -9.84 29.42 -17.00
N GLU B 43 -10.38 30.05 -15.96
CA GLU B 43 -11.45 31.03 -16.17
C GLU B 43 -11.00 32.18 -17.08
N VAL B 44 -9.76 32.61 -16.95
CA VAL B 44 -9.21 33.60 -17.88
C VAL B 44 -7.94 33.02 -18.47
N LEU B 45 -7.86 32.98 -19.81
CA LEU B 45 -6.74 32.35 -20.50
C LEU B 45 -5.56 33.32 -20.65
N GLY B 46 -4.39 32.77 -20.96
CA GLY B 46 -3.20 33.58 -21.23
C GLY B 46 -2.64 34.18 -19.96
N GLY B 47 -1.81 35.22 -20.11
CA GLY B 47 -1.12 35.82 -18.97
C GLY B 47 0.06 34.96 -18.55
N TRP B 48 0.68 35.31 -17.43
CA TRP B 48 1.91 34.63 -17.02
C TRP B 48 1.66 33.88 -15.72
N TYR B 49 2.23 32.69 -15.63
CA TYR B 49 2.42 32.05 -14.33
C TYR B 49 3.38 32.91 -13.53
N ASP B 50 3.17 33.02 -12.22
CA ASP B 50 3.92 34.04 -11.50
C ASP B 50 5.41 33.75 -11.35
N ALA B 51 5.76 32.55 -10.91
CA ALA B 51 7.12 32.30 -10.42
C ALA B 51 7.53 30.92 -10.89
N GLY B 52 7.96 30.02 -10.01
CA GLY B 52 8.28 28.67 -10.47
C GLY B 52 7.07 27.76 -10.34
N ASP B 53 5.90 28.37 -10.19
CA ASP B 53 4.61 27.73 -9.93
C ASP B 53 3.64 27.99 -11.09
N HIS B 54 2.34 27.75 -10.87
CA HIS B 54 1.38 27.90 -11.97
C HIS B 54 0.19 28.77 -11.57
N VAL B 55 0.36 29.54 -10.51
CA VAL B 55 -0.69 30.49 -10.12
C VAL B 55 -0.58 31.75 -10.97
N LYS B 56 -1.72 32.32 -11.36
CA LYS B 56 -1.73 33.66 -11.96
C LYS B 56 -2.12 34.57 -10.81
N PHE B 57 -1.18 35.41 -10.37
CA PHE B 57 -1.37 36.38 -9.28
C PHE B 57 -1.38 37.76 -9.95
N ASN B 58 -2.53 38.41 -10.06
CA ASN B 58 -2.57 39.62 -10.89
C ASN B 58 -1.76 40.79 -10.36
N LEU B 59 -1.55 40.92 -9.05
CA LEU B 59 -0.81 42.07 -8.56
C LEU B 59 0.65 42.10 -9.07
N PRO B 60 1.44 41.05 -8.79
CA PRO B 60 2.78 41.04 -9.39
C PRO B 60 2.76 40.88 -10.90
N MET B 61 1.72 40.27 -11.46
CA MET B 61 1.68 40.14 -12.92
C MET B 61 1.55 41.52 -13.55
N ALA B 62 0.56 42.27 -13.07
CA ALA B 62 0.33 43.62 -13.59
C ALA B 62 1.53 44.53 -13.27
N TYR B 63 2.11 44.44 -12.06
CA TYR B 63 3.33 45.18 -11.79
C TYR B 63 4.41 44.89 -12.84
N SER B 64 4.60 43.61 -13.15
CA SER B 64 5.65 43.22 -14.07
C SER B 64 5.37 43.80 -15.45
N ALA B 65 4.11 43.74 -15.88
CA ALA B 65 3.73 44.32 -17.17
C ALA B 65 3.95 45.84 -17.18
N ALA B 66 3.58 46.51 -16.09
CA ALA B 66 3.74 47.96 -16.00
C ALA B 66 5.21 48.28 -16.10
N MET B 67 6.08 47.48 -15.47
CA MET B 67 7.51 47.75 -15.56
C MET B 67 8.09 47.51 -16.97
N LEU B 68 7.63 46.48 -17.67
CA LEU B 68 8.10 46.26 -19.04
C LEU B 68 7.63 47.43 -19.90
N GLY B 69 6.40 47.90 -19.65
CA GLY B 69 5.90 49.11 -20.33
C GLY B 69 6.79 50.32 -20.05
N TRP B 70 7.19 50.51 -18.80
CA TRP B 70 8.01 51.65 -18.45
C TRP B 70 9.35 51.55 -19.16
N ALA B 71 9.89 50.33 -19.24
CA ALA B 71 11.12 50.10 -19.98
C ALA B 71 11.00 50.60 -21.42
N LEU B 72 9.92 50.23 -22.11
CA LEU B 72 9.68 50.73 -23.47
C LEU B 72 9.43 52.24 -23.53
N TYR B 73 8.75 52.78 -22.52
CA TYR B 73 8.44 54.21 -22.50
C TYR B 73 9.73 55.03 -22.45
N GLU B 74 10.69 54.59 -21.64
CA GLU B 74 11.96 55.31 -21.50
C GLU B 74 12.93 55.02 -22.63
N TYR B 75 13.05 53.74 -23.00
CA TYR B 75 14.25 53.31 -23.74
C TYR B 75 13.91 52.57 -25.03
N GLY B 76 12.63 52.53 -25.39
CA GLY B 76 12.16 51.80 -26.58
C GLY B 76 12.91 52.12 -27.87
N ASP B 77 13.05 53.41 -28.18
CA ASP B 77 13.79 53.81 -29.37
C ASP B 77 15.26 53.40 -29.25
N ASP B 78 15.79 53.47 -28.04
CA ASP B 78 17.23 53.35 -27.83
C ASP B 78 17.73 51.92 -27.92
N ILE B 79 16.82 50.95 -27.95
CA ILE B 79 17.19 49.53 -27.99
C ILE B 79 16.87 48.87 -29.34
N GLU B 80 16.52 49.67 -30.34
CA GLU B 80 16.23 49.14 -31.67
C GLU B 80 17.41 48.31 -32.19
N ALA B 81 18.62 48.78 -31.93
CA ALA B 81 19.82 48.10 -32.42
C ALA B 81 20.12 46.73 -31.80
N SER B 82 19.63 46.49 -30.59
CA SER B 82 19.80 45.20 -29.91
C SER B 82 18.95 44.12 -30.55
N GLY B 83 17.99 44.55 -31.38
CA GLY B 83 17.02 43.66 -31.99
C GLY B 83 15.92 43.23 -31.03
N GLN B 84 15.89 43.76 -29.81
CA GLN B 84 14.98 43.23 -28.80
C GLN B 84 13.65 43.98 -28.63
N ARG B 85 13.48 45.09 -29.35
CA ARG B 85 12.28 45.89 -29.13
C ARG B 85 10.97 45.14 -29.44
N LEU B 86 10.92 44.47 -30.59
CA LEU B 86 9.70 43.76 -30.99
C LEU B 86 9.44 42.61 -30.04
N HIS B 87 10.50 41.95 -29.57
CA HIS B 87 10.32 40.89 -28.58
C HIS B 87 9.73 41.43 -27.28
N LEU B 88 10.26 42.54 -26.79
CA LEU B 88 9.70 43.13 -25.58
C LEU B 88 8.23 43.53 -25.77
N GLU B 89 7.93 44.18 -26.89
CA GLU B 89 6.57 44.65 -27.14
C GLU B 89 5.53 43.53 -27.15
N ARG B 90 5.79 42.47 -27.89
CA ARG B 90 4.79 41.41 -27.99
C ARG B 90 4.69 40.61 -26.68
N ASN B 91 5.80 40.46 -25.96
CA ASN B 91 5.71 39.85 -24.63
C ASN B 91 4.83 40.68 -23.69
N LEU B 92 4.97 42.00 -23.76
CA LEU B 92 4.15 42.86 -22.89
C LEU B 92 2.67 42.72 -23.28
N ALA B 93 2.39 42.81 -24.57
CA ALA B 93 1.01 42.73 -25.03
C ALA B 93 0.32 41.45 -24.56
N PHE B 94 1.07 40.35 -24.48
CA PHE B 94 0.48 39.08 -24.06
C PHE B 94 -0.07 39.20 -22.63
N ALA B 95 0.69 39.84 -21.75
CA ALA B 95 0.20 40.09 -20.40
C ALA B 95 -0.97 41.07 -20.37
N LEU B 96 -0.88 42.16 -21.13
CA LEU B 96 -1.93 43.16 -21.05
C LEU B 96 -3.25 42.57 -21.56
N ASP B 97 -3.18 41.71 -22.59
CA ASP B 97 -4.42 41.10 -23.09
C ASP B 97 -5.12 40.29 -22.01
N TYR B 98 -4.33 39.59 -21.20
CA TYR B 98 -4.88 38.89 -20.04
C TYR B 98 -5.54 39.88 -19.09
N LEU B 99 -4.90 41.01 -18.79
CA LEU B 99 -5.49 41.93 -17.83
C LEU B 99 -6.84 42.45 -18.32
N VAL B 100 -6.96 42.68 -19.63
CA VAL B 100 -8.23 43.11 -20.22
C VAL B 100 -9.26 41.98 -20.08
N ALA B 101 -8.81 40.76 -20.33
CA ALA B 101 -9.72 39.61 -20.30
C ALA B 101 -10.24 39.31 -18.89
N CYS B 102 -9.59 39.88 -17.88
CA CYS B 102 -10.05 39.70 -16.50
C CYS B 102 -11.29 40.54 -16.17
N ASP B 103 -11.69 41.45 -17.04
CA ASP B 103 -12.80 42.34 -16.68
C ASP B 103 -14.09 41.57 -16.42
N ARG B 104 -14.75 41.85 -15.30
CA ARG B 104 -16.07 41.26 -15.01
C ARG B 104 -17.08 42.35 -14.62
N GLY B 105 -16.91 43.53 -15.17
CA GLY B 105 -17.93 44.58 -15.02
C GLY B 105 -17.69 45.36 -13.75
N ASP B 106 -18.28 44.87 -12.65
CA ASP B 106 -18.17 45.54 -11.35
C ASP B 106 -17.00 45.06 -10.51
N SER B 107 -16.20 44.18 -11.11
CA SER B 107 -15.11 43.49 -10.43
C SER B 107 -14.24 42.88 -11.52
N VAL B 108 -13.15 42.26 -11.11
CA VAL B 108 -12.24 41.58 -12.04
C VAL B 108 -11.89 40.20 -11.50
N VAL B 109 -11.53 39.29 -12.39
CA VAL B 109 -10.84 38.07 -11.98
C VAL B 109 -9.45 38.55 -11.54
N TYR B 110 -9.02 38.23 -10.31
CA TYR B 110 -7.71 38.71 -9.88
C TYR B 110 -6.72 37.60 -9.56
N GLN B 111 -7.15 36.35 -9.73
CA GLN B 111 -6.26 35.21 -9.45
C GLN B 111 -6.83 33.99 -10.14
N ILE B 112 -5.94 33.17 -10.69
CA ILE B 112 -6.31 31.82 -11.12
C ILE B 112 -5.37 30.86 -10.42
N GLY B 113 -5.96 29.91 -9.69
CA GLY B 113 -5.18 28.92 -8.93
C GLY B 113 -5.25 29.19 -7.44
N ASP B 114 -5.27 28.10 -6.67
CA ASP B 114 -5.16 28.11 -5.22
C ASP B 114 -3.67 27.96 -4.91
N GLY B 115 -3.08 28.94 -4.23
CA GLY B 115 -1.62 28.92 -4.05
C GLY B 115 -1.16 27.68 -3.30
N ALA B 116 -1.90 27.29 -2.27
CA ALA B 116 -1.48 26.12 -1.48
C ALA B 116 -1.48 24.81 -2.29
N ALA B 117 -2.58 24.52 -2.99
CA ALA B 117 -2.64 23.31 -3.82
C ALA B 117 -1.64 23.31 -4.98
N ASP B 118 -1.46 24.50 -5.56
CA ASP B 118 -0.55 24.65 -6.68
C ASP B 118 0.86 24.29 -6.21
N HIS B 119 1.26 24.85 -5.06
CA HIS B 119 2.64 24.74 -4.61
C HIS B 119 2.95 23.36 -4.03
N LYS B 120 1.91 22.66 -3.59
CA LYS B 120 2.07 21.31 -3.01
C LYS B 120 2.53 20.29 -4.07
N TRP B 121 2.28 20.61 -5.33
CA TRP B 121 2.61 19.71 -6.43
C TRP B 121 3.79 20.22 -7.26
N TRP B 122 4.64 19.31 -7.68
CA TRP B 122 5.85 19.62 -8.44
C TRP B 122 5.78 18.93 -9.79
N GLY B 123 5.53 19.70 -10.85
CA GLY B 123 5.32 19.10 -12.17
C GLY B 123 5.12 20.16 -13.22
N SER B 124 4.99 19.73 -14.48
CA SER B 124 5.00 20.68 -15.58
C SER B 124 3.62 21.27 -15.86
N ALA B 125 3.61 22.54 -16.28
CA ALA B 125 2.37 23.29 -16.51
C ALA B 125 1.32 22.54 -17.33
N GLU B 126 1.79 21.92 -18.42
CA GLU B 126 0.90 21.29 -19.41
C GLU B 126 0.13 20.09 -18.88
N VAL B 127 0.50 19.59 -17.70
CA VAL B 127 -0.18 18.41 -17.18
C VAL B 127 -0.88 18.65 -15.84
N ILE B 128 -0.89 19.89 -15.36
CA ILE B 128 -1.41 20.13 -14.02
C ILE B 128 -2.92 19.85 -13.90
N GLU B 129 -3.65 19.96 -15.00
CA GLU B 129 -5.10 19.73 -14.90
C GLU B 129 -5.45 18.27 -14.64
N LYS B 130 -4.51 17.36 -14.91
CA LYS B 130 -4.67 15.97 -14.48
C LYS B 130 -4.54 15.79 -12.97
N GLU B 131 -3.82 16.71 -12.32
CA GLU B 131 -3.60 16.65 -10.88
C GLU B 131 -4.68 17.37 -10.08
N MET B 132 -5.18 18.49 -10.58
CA MET B 132 -6.07 19.32 -9.76
C MET B 132 -6.97 20.19 -10.62
N THR B 133 -8.07 20.64 -10.04
CA THR B 133 -8.92 21.65 -10.64
C THR B 133 -8.53 23.02 -10.07
N ARG B 134 -8.45 24.02 -10.95
CA ARG B 134 -7.96 25.34 -10.57
C ARG B 134 -9.09 26.35 -10.37
N PRO B 135 -9.31 26.84 -9.15
CA PRO B 135 -10.38 27.81 -8.92
C PRO B 135 -9.93 29.18 -9.43
N TYR B 136 -10.88 30.09 -9.62
CA TYR B 136 -10.56 31.48 -9.92
C TYR B 136 -11.17 32.33 -8.81
N PHE B 137 -10.73 33.59 -8.74
CA PHE B 137 -11.18 34.46 -7.66
C PHE B 137 -11.47 35.82 -8.26
N VAL B 138 -12.56 36.41 -7.80
CA VAL B 138 -13.08 37.67 -8.33
CA VAL B 138 -13.00 37.71 -8.33
C VAL B 138 -13.17 38.69 -7.16
N GLY B 139 -12.92 39.96 -7.44
CA GLY B 139 -12.96 40.99 -6.42
C GLY B 139 -12.65 42.32 -7.04
N LYS B 140 -12.43 43.34 -6.21
CA LYS B 140 -12.15 44.68 -6.73
C LYS B 140 -11.15 45.41 -5.84
N GLY B 141 -10.18 44.65 -5.31
CA GLY B 141 -9.19 45.23 -4.42
C GLY B 141 -8.49 46.40 -5.07
N SER B 142 -8.39 47.50 -4.34
CA SER B 142 -7.85 48.72 -4.94
C SER B 142 -6.40 48.54 -5.34
N ALA B 143 -5.60 47.81 -4.55
CA ALA B 143 -4.19 47.67 -4.96
C ALA B 143 -4.10 46.86 -6.25
N VAL B 144 -4.76 45.71 -6.27
CA VAL B 144 -4.60 44.85 -7.45
C VAL B 144 -5.22 45.51 -8.69
N VAL B 145 -6.43 46.05 -8.57
CA VAL B 145 -7.06 46.72 -9.70
C VAL B 145 -6.31 47.98 -10.11
N GLY B 146 -5.80 48.72 -9.13
CA GLY B 146 -5.00 49.92 -9.39
C GLY B 146 -3.75 49.60 -10.20
N GLN B 147 -3.09 48.49 -9.85
CA GLN B 147 -1.89 48.14 -10.59
C GLN B 147 -2.26 47.64 -11.99
N MET B 148 -3.36 46.90 -12.11
CA MET B 148 -3.82 46.51 -13.44
C MET B 148 -4.06 47.75 -14.29
N ALA B 149 -4.69 48.78 -13.71
CA ALA B 149 -4.90 50.06 -14.41
C ALA B 149 -3.57 50.66 -14.88
N ALA B 150 -2.58 50.71 -13.99
CA ALA B 150 -1.30 51.35 -14.30
C ALA B 150 -0.63 50.62 -15.46
N ALA B 151 -0.64 49.29 -15.39
CA ALA B 151 -0.03 48.47 -16.45
C ALA B 151 -0.67 48.78 -17.80
N LEU B 152 -2.00 48.88 -17.80
CA LEU B 152 -2.68 49.13 -19.06
C LEU B 152 -2.48 50.58 -19.52
N ALA B 153 -2.29 51.51 -18.58
CA ALA B 153 -2.10 52.93 -18.95
C ALA B 153 -0.75 53.09 -19.66
N VAL B 154 0.33 52.62 -19.05
CA VAL B 154 1.61 52.69 -19.76
C VAL B 154 1.61 51.85 -21.04
N GLY B 155 0.99 50.66 -20.98
CA GLY B 155 0.88 49.81 -22.17
C GLY B 155 0.20 50.52 -23.34
N SER B 156 -0.85 51.28 -23.04
CA SER B 156 -1.58 52.00 -24.09
C SER B 156 -0.66 52.99 -24.82
N ILE B 157 0.28 53.60 -24.10
CA ILE B 157 1.22 54.56 -24.71
C ILE B 157 2.21 53.83 -25.60
N VAL B 158 2.90 52.88 -25.01
CA VAL B 158 4.03 52.27 -25.71
C VAL B 158 3.60 51.32 -26.83
N LEU B 159 2.39 50.78 -26.74
CA LEU B 159 1.84 49.91 -27.80
C LEU B 159 0.79 50.62 -28.65
N LYS B 160 0.61 51.92 -28.42
CA LYS B 160 -0.37 52.74 -29.16
C LYS B 160 -1.73 52.06 -29.26
N ASN B 161 -2.34 51.78 -28.11
CA ASN B 161 -3.48 50.87 -28.13
C ASN B 161 -4.65 51.48 -27.37
N ASP B 162 -5.71 51.84 -28.08
CA ASP B 162 -6.84 52.51 -27.43
C ASP B 162 -7.60 51.62 -26.46
N THR B 163 -7.67 50.32 -26.77
CA THR B 163 -8.36 49.36 -25.90
C THR B 163 -7.66 49.32 -24.55
N TYR B 164 -6.34 49.24 -24.54
CA TYR B 164 -5.64 49.28 -23.25
C TYR B 164 -5.96 50.55 -22.47
N LEU B 165 -6.00 51.71 -23.14
CA LEU B 165 -6.33 52.94 -22.42
C LEU B 165 -7.74 52.90 -21.83
N ARG B 166 -8.69 52.39 -22.61
CA ARG B 166 -10.07 52.30 -22.16
C ARG B 166 -10.18 51.49 -20.87
N TYR B 167 -9.53 50.32 -20.83
CA TYR B 167 -9.58 49.47 -19.63
C TYR B 167 -8.73 50.06 -18.52
N ALA B 168 -7.63 50.73 -18.87
CA ALA B 168 -6.87 51.40 -17.82
C ALA B 168 -7.74 52.39 -17.04
N LYS B 169 -8.52 53.20 -17.76
CA LYS B 169 -9.37 54.19 -17.12
C LYS B 169 -10.46 53.54 -16.27
N LYS B 170 -11.07 52.50 -16.83
CA LYS B 170 -12.13 51.77 -16.14
C LYS B 170 -11.62 51.11 -14.86
N TYR B 171 -10.44 50.49 -14.95
CA TYR B 171 -9.87 49.89 -13.73
C TYR B 171 -9.47 50.96 -12.72
N PHE B 172 -8.87 52.06 -13.18
CA PHE B 172 -8.51 53.12 -12.24
C PHE B 172 -9.74 53.61 -11.47
N GLU B 173 -10.83 53.87 -12.20
CA GLU B 173 -12.08 54.33 -11.56
C GLU B 173 -12.64 53.30 -10.57
N LEU B 174 -12.57 52.03 -10.94
CA LEU B 174 -12.99 50.96 -10.04
C LEU B 174 -12.11 50.95 -8.78
N ALA B 175 -10.79 51.02 -8.96
CA ALA B 175 -9.92 51.04 -7.78
C ALA B 175 -10.18 52.27 -6.90
N ASP B 176 -10.35 53.44 -7.53
CA ASP B 176 -10.55 54.71 -6.83
C ASP B 176 -11.92 54.80 -6.14
N ALA B 177 -12.94 54.17 -6.72
CA ALA B 177 -14.28 54.14 -6.13
C ALA B 177 -14.28 53.22 -4.92
N THR B 178 -13.51 52.15 -5.00
CA THR B 178 -13.55 51.08 -4.01
C THR B 178 -12.76 51.47 -2.76
N ARG B 179 -11.56 51.98 -2.95
CA ARG B 179 -10.70 52.42 -1.82
C ARG B 179 -10.66 51.42 -0.65
N SER B 180 -10.42 50.18 -1.03
CA SER B 180 -10.35 49.07 -0.09
C SER B 180 -9.65 47.87 -0.71
N ASP B 181 -8.84 47.20 0.08
CA ASP B 181 -8.31 45.88 -0.31
C ASP B 181 -9.12 44.73 0.30
N SER B 182 -10.30 45.01 0.84
CA SER B 182 -11.04 43.98 1.58
C SER B 182 -11.45 42.78 0.73
N THR B 183 -11.67 43.00 -0.56
CA THR B 183 -12.07 41.94 -1.47
C THR B 183 -10.88 41.24 -2.13
N TYR B 184 -9.67 41.52 -1.66
CA TYR B 184 -8.47 40.89 -2.19
C TYR B 184 -8.03 39.90 -1.12
N THR B 185 -8.35 38.62 -1.33
CA THR B 185 -8.17 37.61 -0.29
C THR B 185 -7.33 36.43 -0.75
N ALA B 186 -7.44 36.06 -2.02
CA ALA B 186 -6.88 34.78 -2.45
C ALA B 186 -5.36 34.76 -2.50
N ALA B 187 -4.72 35.93 -2.47
CA ALA B 187 -3.27 35.98 -2.59
C ALA B 187 -2.62 36.04 -1.21
N ASN B 188 -3.44 35.89 -0.17
CA ASN B 188 -2.96 36.16 1.18
C ASN B 188 -1.69 35.36 1.49
N GLY B 189 -0.67 36.01 2.03
CA GLY B 189 0.56 35.31 2.43
C GLY B 189 1.53 35.10 1.27
N PHE B 190 1.03 35.29 0.05
CA PHE B 190 1.87 35.18 -1.16
C PHE B 190 2.14 36.58 -1.67
N TYR B 191 1.06 37.31 -1.94
CA TYR B 191 1.16 38.70 -2.39
C TYR B 191 0.10 39.53 -1.68
N SER B 192 0.06 39.48 -0.35
CA SER B 192 -0.84 40.36 0.37
C SER B 192 -0.53 41.82 0.08
N SER B 193 -1.51 42.70 0.27
CA SER B 193 -1.26 44.13 0.15
C SER B 193 -0.64 44.61 1.45
N HIS B 194 0.66 44.88 1.48
CA HIS B 194 1.30 45.31 2.73
C HIS B 194 1.24 46.82 2.95
N SER B 195 1.51 47.58 1.89
CA SER B 195 1.58 49.03 1.92
C SER B 195 0.19 49.66 1.86
N GLY B 196 -0.84 48.88 1.54
CA GLY B 196 -2.14 49.45 1.27
C GLY B 196 -2.24 49.84 -0.19
N PHE B 197 -3.26 50.62 -0.52
CA PHE B 197 -3.61 50.84 -1.93
C PHE B 197 -3.39 52.29 -2.41
N TRP B 198 -3.02 53.22 -1.54
CA TRP B 198 -2.85 54.59 -2.00
C TRP B 198 -1.73 54.73 -3.02
N ASP B 199 -0.66 53.96 -2.85
CA ASP B 199 0.45 54.03 -3.80
C ASP B 199 0.03 53.53 -5.18
N GLU B 200 -0.86 52.54 -5.26
CA GLU B 200 -1.33 52.07 -6.57
C GLU B 200 -2.17 53.14 -7.26
N LEU B 201 -2.97 53.84 -6.47
CA LEU B 201 -3.79 54.91 -7.05
C LEU B 201 -2.90 56.03 -7.56
N LEU B 202 -1.85 56.36 -6.81
CA LEU B 202 -0.85 57.32 -7.26
C LEU B 202 -0.16 56.85 -8.54
N TRP B 203 0.31 55.60 -8.55
CA TRP B 203 0.99 55.08 -9.73
C TRP B 203 0.08 55.05 -10.96
N ALA B 204 -1.15 54.56 -10.80
CA ALA B 204 -2.08 54.49 -11.95
C ALA B 204 -2.45 55.89 -12.49
N SER B 205 -2.74 56.81 -11.60
CA SER B 205 -3.16 58.17 -12.00
C SER B 205 -2.00 58.90 -12.65
N THR B 206 -0.79 58.64 -12.19
CA THR B 206 0.39 59.26 -12.80
C THR B 206 0.54 58.74 -14.23
N TRP B 207 0.42 57.43 -14.42
CA TRP B 207 0.50 56.89 -15.78
C TRP B 207 -0.65 57.38 -16.66
N LEU B 208 -1.84 57.53 -16.08
CA LEU B 208 -2.95 58.07 -16.88
C LEU B 208 -2.71 59.51 -17.33
N TYR B 209 -2.10 60.30 -16.44
CA TYR B 209 -1.68 61.65 -16.81
C TYR B 209 -0.71 61.56 -17.97
N LEU B 210 0.27 60.65 -17.89
CA LEU B 210 1.29 60.60 -18.93
C LEU B 210 0.70 60.12 -20.24
N ALA B 211 -0.35 59.33 -20.14
CA ALA B 211 -1.00 58.75 -21.31
C ALA B 211 -1.91 59.78 -21.99
N THR B 212 -2.56 60.61 -21.20
CA THR B 212 -3.64 61.46 -21.73
C THR B 212 -3.30 62.94 -21.84
N GLY B 213 -2.39 63.40 -20.98
CA GLY B 213 -2.10 64.82 -20.84
C GLY B 213 -3.23 65.57 -20.15
N ASP B 214 -4.14 64.82 -19.53
CA ASP B 214 -5.29 65.38 -18.83
C ASP B 214 -4.89 65.74 -17.39
N ARG B 215 -4.80 67.03 -17.12
CA ARG B 215 -4.31 67.52 -15.83
C ARG B 215 -5.22 67.11 -14.68
N ASN B 216 -6.46 66.71 -14.96
CA ASN B 216 -7.26 66.07 -13.93
C ASN B 216 -6.60 64.84 -13.29
N TYR B 217 -5.89 64.06 -14.08
CA TYR B 217 -5.15 62.91 -13.54
C TYR B 217 -3.94 63.32 -12.71
N LEU B 218 -3.25 64.37 -13.17
CA LEU B 218 -2.17 64.95 -12.37
C LEU B 218 -2.70 65.41 -11.02
N ASP B 219 -3.85 66.09 -11.04
CA ASP B 219 -4.45 66.52 -9.76
C ASP B 219 -4.81 65.39 -8.82
N LYS B 220 -5.35 64.30 -9.38
CA LYS B 220 -5.63 63.11 -8.58
C LYS B 220 -4.32 62.55 -8.00
N ALA B 221 -3.30 62.44 -8.85
CA ALA B 221 -2.04 61.88 -8.40
C ALA B 221 -1.52 62.67 -7.21
N GLU B 222 -1.51 64.00 -7.34
CA GLU B 222 -0.92 64.80 -6.28
C GLU B 222 -1.77 64.74 -5.02
N SER B 223 -3.06 64.54 -5.19
CA SER B 223 -3.98 64.39 -4.06
C SER B 223 -3.69 63.15 -3.21
N TYR B 224 -3.03 62.15 -3.79
CA TYR B 224 -2.74 60.92 -3.04
C TYR B 224 -1.46 60.95 -2.20
N THR B 225 -0.56 61.89 -2.48
CA THR B 225 0.72 61.80 -1.79
C THR B 225 0.63 61.99 -0.28
N PRO B 226 -0.33 62.80 0.23
CA PRO B 226 -0.44 62.86 1.69
C PRO B 226 -0.98 61.60 2.34
N LYS B 227 -1.51 60.68 1.53
CA LYS B 227 -2.07 59.42 2.01
C LYS B 227 -1.03 58.31 2.06
N LEU B 228 0.15 58.54 1.48
CA LEU B 228 1.20 57.54 1.46
C LEU B 228 1.71 57.31 2.88
N ASN B 229 2.26 56.11 3.07
CA ASN B 229 2.86 55.76 4.34
C ASN B 229 4.06 56.64 4.61
N ARG B 230 4.23 56.92 5.88
CA ARG B 230 5.35 57.72 6.38
C ARG B 230 6.56 56.85 6.66
N GLN B 231 7.73 57.48 6.71
CA GLN B 231 8.93 56.79 7.15
C GLN B 231 8.93 56.75 8.67
N ASN B 232 8.72 55.56 9.23
CA ASN B 232 8.73 55.34 10.67
C ASN B 232 7.73 56.29 11.33
N GLN B 233 8.14 57.06 12.32
CA GLN B 233 7.17 57.93 13.00
C GLN B 233 7.17 59.35 12.44
N THR B 234 7.81 59.57 11.30
CA THR B 234 8.12 60.91 10.83
C THR B 234 7.09 61.45 9.85
N THR B 235 7.31 62.68 9.40
CA THR B 235 6.42 63.29 8.42
C THR B 235 6.85 63.01 6.99
N ASP B 236 8.03 62.45 6.81
CA ASP B 236 8.55 62.17 5.48
C ASP B 236 7.76 60.99 4.88
N ILE B 237 7.48 61.03 3.59
CA ILE B 237 6.96 59.84 2.92
C ILE B 237 7.99 58.71 3.03
N GLU B 238 7.53 57.47 3.24
CA GLU B 238 8.43 56.32 3.25
C GLU B 238 9.39 56.29 2.07
N TYR B 239 10.68 56.14 2.36
CA TYR B 239 11.69 56.09 1.31
C TYR B 239 12.65 54.92 1.48
N GLN B 240 12.66 54.28 2.65
CA GLN B 240 13.62 53.21 2.95
C GLN B 240 13.11 51.85 2.53
N TRP B 241 12.80 51.71 1.24
CA TRP B 241 12.37 50.41 0.71
C TRP B 241 12.63 50.51 -0.79
N ALA B 242 12.19 49.50 -1.54
CA ALA B 242 12.31 49.54 -2.99
C ALA B 242 10.96 49.64 -3.69
N HIS B 243 11.00 50.24 -4.88
CA HIS B 243 9.91 50.13 -5.85
C HIS B 243 9.72 48.64 -6.11
N CYS B 244 8.49 48.13 -6.01
CA CYS B 244 8.24 46.70 -6.12
C CYS B 244 6.77 46.41 -6.37
N TRP B 245 6.46 45.13 -6.49
CA TRP B 245 5.11 44.67 -6.80
C TRP B 245 4.07 45.21 -5.83
N ASP B 246 4.46 45.47 -4.59
CA ASP B 246 3.53 45.93 -3.55
C ASP B 246 3.40 47.45 -3.46
N ASP B 247 4.39 48.14 -4.00
CA ASP B 247 4.51 49.57 -3.74
C ASP B 247 5.34 50.29 -4.79
N CYS B 248 4.62 50.99 -5.67
CA CYS B 248 5.26 51.73 -6.75
C CYS B 248 5.29 53.25 -6.52
N HIS B 249 5.07 53.72 -5.29
CA HIS B 249 5.15 55.17 -5.08
C HIS B 249 6.53 55.74 -5.40
N TYR B 250 7.60 54.95 -5.21
CA TYR B 250 8.95 55.42 -5.48
C TYR B 250 9.07 55.90 -6.93
N GLY B 251 8.72 55.01 -7.86
CA GLY B 251 8.77 55.33 -9.28
C GLY B 251 7.79 56.45 -9.64
N ALA B 252 6.62 56.44 -9.04
CA ALA B 252 5.64 57.51 -9.31
C ALA B 252 6.22 58.90 -8.96
N MET B 253 6.90 58.99 -7.82
CA MET B 253 7.51 60.25 -7.42
C MET B 253 8.58 60.71 -8.43
N ILE B 254 9.38 59.77 -8.95
CA ILE B 254 10.38 60.11 -9.97
C ILE B 254 9.69 60.61 -11.23
N LEU B 255 8.62 59.92 -11.65
CA LEU B 255 7.89 60.38 -12.84
C LEU B 255 7.31 61.77 -12.64
N LEU B 256 6.85 62.04 -11.42
CA LEU B 256 6.25 63.35 -11.13
C LEU B 256 7.32 64.45 -11.05
N ALA B 257 8.51 64.10 -10.59
CA ALA B 257 9.62 65.06 -10.58
C ALA B 257 9.88 65.54 -12.00
N ARG B 258 9.97 64.61 -12.94
CA ARG B 258 10.19 64.98 -14.33
C ARG B 258 8.99 65.68 -14.98
N ALA B 259 7.78 65.22 -14.69
CA ALA B 259 6.61 65.78 -15.35
C ALA B 259 6.23 67.16 -14.84
N THR B 260 6.50 67.45 -13.57
CA THR B 260 6.08 68.71 -12.94
C THR B 260 7.24 69.66 -12.66
N GLY B 261 8.45 69.11 -12.50
CA GLY B 261 9.60 69.90 -12.09
C GLY B 261 9.57 70.31 -10.64
N LYS B 262 8.53 69.92 -9.90
CA LYS B 262 8.34 70.42 -8.55
C LYS B 262 9.36 69.89 -7.55
N GLU B 263 9.86 70.80 -6.70
CA GLU B 263 10.89 70.46 -5.71
C GLU B 263 10.53 69.30 -4.78
N GLU B 264 9.27 69.16 -4.38
CA GLU B 264 8.94 68.09 -3.43
C GLU B 264 9.29 66.71 -3.98
N TYR B 265 9.13 66.55 -5.30
CA TYR B 265 9.37 65.24 -5.90
C TYR B 265 10.85 64.97 -6.09
N HIS B 266 11.60 66.01 -6.45
CA HIS B 266 13.04 65.88 -6.53
C HIS B 266 13.65 65.61 -5.17
N LYS B 267 13.14 66.28 -4.15
CA LYS B 267 13.62 66.08 -2.78
C LYS B 267 13.39 64.62 -2.36
N PHE B 268 12.21 64.11 -2.68
CA PHE B 268 11.91 62.72 -2.34
C PHE B 268 12.81 61.76 -3.12
N ALA B 269 12.88 61.95 -4.43
CA ALA B 269 13.67 61.09 -5.31
C ALA B 269 15.13 61.00 -4.87
N GLN B 270 15.71 62.14 -4.52
CA GLN B 270 17.09 62.13 -4.05
C GLN B 270 17.28 61.55 -2.65
N MET B 271 16.34 61.79 -1.74
CA MET B 271 16.38 61.14 -0.43
C MET B 271 16.33 59.62 -0.60
N HIS B 272 15.34 59.16 -1.38
CA HIS B 272 15.18 57.73 -1.64
C HIS B 272 16.42 57.12 -2.31
N LEU B 273 16.88 57.70 -3.41
CA LEU B 273 18.01 57.11 -4.13
C LEU B 273 19.32 57.23 -3.34
N ASP B 274 19.49 58.33 -2.60
CA ASP B 274 20.70 58.45 -1.77
C ASP B 274 20.74 57.33 -0.73
N TRP B 275 19.59 56.97 -0.15
CA TRP B 275 19.55 55.91 0.85
C TRP B 275 19.99 54.58 0.24
N TRP B 276 19.77 54.40 -1.08
CA TRP B 276 20.22 53.20 -1.76
C TRP B 276 21.71 53.20 -2.15
N THR B 277 22.30 54.39 -2.31
CA THR B 277 23.71 54.49 -2.71
C THR B 277 24.64 54.19 -1.53
N PRO B 278 25.88 53.81 -1.81
CA PRO B 278 26.86 53.60 -0.76
C PRO B 278 27.08 54.84 0.11
N GLN B 279 26.86 56.03 -0.45
CA GLN B 279 27.06 57.27 0.33
C GLN B 279 25.93 57.55 1.32
N GLY B 280 24.75 56.97 1.08
CA GLY B 280 23.65 57.08 2.03
C GLY B 280 22.92 58.41 2.01
N TYR B 281 21.90 58.51 2.87
CA TYR B 281 21.13 59.73 3.07
C TYR B 281 21.26 60.15 4.53
N ASN B 282 21.98 61.25 4.79
CA ASN B 282 22.13 61.71 6.17
CA ASN B 282 22.26 61.75 6.15
C ASN B 282 22.64 60.64 7.13
N GLY B 283 23.54 59.76 6.66
CA GLY B 283 24.08 58.67 7.46
C GLY B 283 23.28 57.39 7.48
N LYS B 284 22.12 57.42 6.81
CA LYS B 284 21.24 56.26 6.77
C LYS B 284 21.33 55.58 5.41
N ARG B 285 21.31 54.25 5.39
CA ARG B 285 21.53 53.56 4.13
C ARG B 285 21.02 52.12 4.17
N VAL B 286 20.61 51.63 3.01
CA VAL B 286 20.32 50.20 2.83
C VAL B 286 21.55 49.36 3.25
N ALA B 287 21.31 48.17 3.81
CA ALA B 287 22.42 47.26 4.08
C ALA B 287 23.17 46.99 2.77
N TYR B 288 24.49 46.86 2.83
CA TYR B 288 25.28 46.38 1.67
C TYR B 288 26.03 45.12 2.05
N THR B 289 26.15 44.18 1.11
CA THR B 289 27.02 43.02 1.31
C THR B 289 28.45 43.51 1.15
N PRO B 290 29.41 42.75 1.69
CA PRO B 290 30.84 43.07 1.50
C PRO B 290 31.20 43.11 0.01
N GLY B 291 30.52 42.30 -0.80
CA GLY B 291 30.74 42.30 -2.24
C GLY B 291 30.07 43.38 -3.04
N GLY B 292 29.31 44.25 -2.37
CA GLY B 292 28.79 45.44 -3.04
C GLY B 292 27.33 45.40 -3.47
N LEU B 293 26.58 44.37 -3.04
CA LEU B 293 25.14 44.30 -3.32
C LEU B 293 24.31 45.04 -2.27
N ALA B 294 23.44 45.93 -2.71
CA ALA B 294 22.50 46.59 -1.80
C ALA B 294 21.44 45.54 -1.49
N HIS B 295 21.27 45.23 -0.21
CA HIS B 295 20.58 44.02 0.23
C HIS B 295 19.42 44.39 1.15
N LEU B 296 18.23 44.48 0.54
CA LEU B 296 17.08 45.03 1.26
C LEU B 296 16.42 44.04 2.20
N ASP B 297 16.40 42.77 1.79
CA ASP B 297 15.62 41.75 2.47
C ASP B 297 16.13 40.38 2.05
N THR B 298 15.83 39.35 2.85
CA THR B 298 16.13 37.97 2.54
C THR B 298 15.56 37.50 1.21
N TRP B 299 14.30 37.88 0.96
CA TRP B 299 13.60 37.49 -0.26
C TRP B 299 13.97 38.40 -1.41
N GLY B 300 14.44 37.82 -2.51
CA GLY B 300 14.66 38.55 -3.75
C GLY B 300 15.50 39.81 -3.63
N PRO B 301 16.69 39.75 -3.01
CA PRO B 301 17.51 40.96 -2.97
C PRO B 301 17.96 41.46 -4.35
N LEU B 302 18.25 40.56 -5.28
CA LEU B 302 18.64 41.00 -6.63
C LEU B 302 17.47 41.73 -7.31
N ARG B 303 16.27 41.18 -7.16
CA ARG B 303 15.06 41.83 -7.66
C ARG B 303 14.98 43.28 -7.17
N TYR B 304 15.15 43.51 -5.87
CA TYR B 304 14.98 44.87 -5.37
C TYR B 304 16.11 45.78 -5.89
N ALA B 305 17.35 45.30 -5.83
CA ALA B 305 18.49 46.11 -6.23
C ALA B 305 18.47 46.46 -7.72
N THR B 306 18.11 45.49 -8.55
CA THR B 306 18.08 45.75 -9.99
C THR B 306 16.90 46.64 -10.34
N THR B 307 15.81 46.58 -9.58
CA THR B 307 14.70 47.50 -9.82
C THR B 307 15.12 48.95 -9.48
N GLU B 308 15.75 49.13 -8.32
CA GLU B 308 16.30 50.44 -7.95
C GLU B 308 17.32 50.95 -8.99
N ALA B 309 18.12 50.07 -9.57
CA ALA B 309 19.02 50.47 -10.66
C ALA B 309 18.23 51.12 -11.79
N PHE B 310 17.11 50.51 -12.18
CA PHE B 310 16.30 51.10 -13.26
C PHE B 310 15.78 52.49 -12.84
N LEU B 311 15.23 52.63 -11.64
CA LEU B 311 14.79 53.96 -11.16
C LEU B 311 15.92 54.98 -11.14
N ALA B 312 17.10 54.54 -10.70
CA ALA B 312 18.23 55.46 -10.61
C ALA B 312 18.67 55.91 -12.01
N PHE B 313 18.68 54.98 -12.97
CA PHE B 313 18.96 55.34 -14.36
C PHE B 313 17.98 56.37 -14.89
N VAL B 314 16.69 56.11 -14.66
CA VAL B 314 15.67 57.03 -15.14
C VAL B 314 15.82 58.40 -14.49
N TYR B 315 16.01 58.44 -13.18
CA TYR B 315 16.14 59.74 -12.53
C TYR B 315 17.41 60.45 -13.00
N ALA B 316 18.53 59.74 -13.06
CA ALA B 316 19.78 60.38 -13.49
C ALA B 316 19.64 60.94 -14.88
N ASP B 317 18.94 60.23 -15.77
CA ASP B 317 18.83 60.69 -17.15
C ASP B 317 17.91 61.91 -17.23
N SER B 318 17.12 62.16 -16.19
CA SER B 318 16.17 63.26 -16.20
CA SER B 318 16.16 63.26 -16.17
C SER B 318 16.71 64.53 -15.55
N ILE B 319 17.89 64.46 -14.93
CA ILE B 319 18.48 65.65 -14.28
C ILE B 319 19.74 66.10 -15.00
N ASN B 320 20.25 67.27 -14.65
CA ASN B 320 21.45 67.83 -15.27
C ASN B 320 22.73 67.80 -14.44
N ASP B 321 22.62 67.67 -13.12
CA ASP B 321 23.78 67.72 -12.22
C ASP B 321 24.74 66.56 -12.47
N PRO B 322 25.96 66.85 -12.98
CA PRO B 322 26.87 65.77 -13.36
C PRO B 322 27.31 64.94 -12.17
N ALA B 323 27.40 65.53 -10.98
CA ALA B 323 27.83 64.82 -9.79
C ALA B 323 26.79 63.81 -9.33
N LEU B 324 25.53 64.25 -9.30
CA LEU B 324 24.41 63.41 -8.92
C LEU B 324 24.21 62.32 -9.96
N LYS B 325 24.30 62.70 -11.23
CA LYS B 325 24.10 61.75 -12.33
C LYS B 325 25.11 60.61 -12.22
N GLN B 326 26.37 60.96 -11.98
CA GLN B 326 27.39 59.93 -11.87
CA GLN B 326 27.45 59.99 -11.80
C GLN B 326 27.19 59.08 -10.61
N LYS B 327 26.76 59.68 -9.50
CA LYS B 327 26.51 58.91 -8.29
C LYS B 327 25.41 57.86 -8.54
N TYR B 328 24.32 58.29 -9.15
CA TYR B 328 23.20 57.36 -9.38
C TYR B 328 23.50 56.35 -10.49
N TYR B 329 24.13 56.80 -11.56
CA TYR B 329 24.56 55.88 -12.61
C TYR B 329 25.53 54.80 -12.08
N ASN B 330 26.53 55.22 -11.30
CA ASN B 330 27.46 54.25 -10.71
C ASN B 330 26.73 53.25 -9.83
N PHE B 331 25.82 53.72 -8.99
CA PHE B 331 25.01 52.81 -8.17
C PHE B 331 24.27 51.81 -9.06
N ALA B 332 23.54 52.33 -10.04
CA ALA B 332 22.70 51.49 -10.90
C ALA B 332 23.52 50.41 -11.62
N LYS B 333 24.59 50.83 -12.27
CA LYS B 333 25.44 49.90 -13.00
C LYS B 333 26.09 48.87 -12.07
N SER B 334 26.46 49.29 -10.85
CA SER B 334 27.11 48.38 -9.91
C SER B 334 26.14 47.26 -9.52
N GLN B 335 24.85 47.55 -9.47
CA GLN B 335 23.89 46.52 -9.02
C GLN B 335 23.60 45.53 -10.16
N ILE B 336 23.41 46.06 -11.36
CA ILE B 336 23.22 45.18 -12.52
C ILE B 336 24.48 44.35 -12.72
N ASP B 337 25.65 44.97 -12.66
CA ASP B 337 26.87 44.21 -12.91
C ASP B 337 27.06 43.14 -11.84
N TYR B 338 26.67 43.41 -10.59
CA TYR B 338 26.75 42.38 -9.54
C TYR B 338 25.91 41.16 -10.01
N ALA B 339 24.69 41.42 -10.46
CA ALA B 339 23.79 40.34 -10.87
C ALA B 339 24.34 39.52 -12.03
N LEU B 340 25.16 40.17 -12.85
CA LEU B 340 25.67 39.52 -14.06
C LEU B 340 27.01 38.83 -13.83
N GLY B 341 27.62 39.04 -12.66
CA GLY B 341 28.92 38.41 -12.38
C GLY B 341 29.97 39.22 -11.63
N SER B 342 29.73 40.50 -11.36
CA SER B 342 30.73 41.31 -10.66
C SER B 342 30.49 41.19 -9.16
N ASN B 343 30.88 40.05 -8.62
CA ASN B 343 30.61 39.68 -7.23
C ASN B 343 31.74 38.75 -6.78
N PRO B 344 31.77 38.40 -5.49
CA PRO B 344 32.93 37.67 -4.96
C PRO B 344 33.14 36.30 -5.63
N ASP B 345 32.10 35.76 -6.24
CA ASP B 345 32.22 34.46 -6.91
C ASP B 345 32.32 34.57 -8.43
N ASN B 346 32.35 35.80 -8.94
CA ASN B 346 32.50 36.07 -10.37
C ASN B 346 31.43 35.37 -11.20
N ARG B 347 30.24 35.22 -10.61
CA ARG B 347 29.27 34.33 -11.23
C ARG B 347 27.97 35.05 -11.55
N SER B 348 27.43 34.76 -12.74
CA SER B 348 26.09 35.23 -13.09
C SER B 348 25.00 34.67 -12.18
N TYR B 349 24.03 35.52 -11.84
CA TYR B 349 22.81 35.09 -11.16
C TYR B 349 21.65 35.07 -12.14
N VAL B 350 21.95 35.03 -13.44
CA VAL B 350 20.92 34.96 -14.47
C VAL B 350 21.06 33.60 -15.14
N VAL B 351 20.01 32.78 -15.01
CA VAL B 351 20.04 31.44 -15.60
C VAL B 351 20.40 31.51 -17.09
N GLY B 352 21.32 30.67 -17.49
CA GLY B 352 21.64 30.55 -18.92
C GLY B 352 22.42 31.71 -19.51
N PHE B 353 23.00 32.55 -18.66
CA PHE B 353 23.78 33.72 -19.09
C PHE B 353 25.11 33.78 -18.33
N GLY B 354 26.18 34.10 -19.04
CA GLY B 354 27.43 34.50 -18.38
C GLY B 354 28.20 33.34 -17.77
N ASN B 355 29.05 33.66 -16.79
CA ASN B 355 29.90 32.69 -16.15
C ASN B 355 29.22 31.94 -15.00
N ASN B 356 29.20 30.61 -15.07
CA ASN B 356 28.71 29.80 -13.95
C ASN B 356 27.33 30.22 -13.42
N PRO B 357 26.34 30.32 -14.32
CA PRO B 357 25.00 30.71 -13.90
C PRO B 357 24.31 29.64 -13.07
N PRO B 358 23.26 30.01 -12.32
CA PRO B 358 22.50 28.98 -11.62
C PRO B 358 21.92 27.96 -12.59
N GLN B 359 22.01 26.68 -12.20
CA GLN B 359 21.47 25.62 -13.04
C GLN B 359 20.28 24.91 -12.42
N ARG B 360 19.95 25.23 -11.17
CA ARG B 360 18.81 24.59 -10.49
C ARG B 360 17.80 25.60 -9.97
N PRO B 361 17.33 26.51 -10.83
CA PRO B 361 16.33 27.45 -10.30
C PRO B 361 15.06 26.74 -9.79
N HIS B 362 14.39 27.35 -8.81
CA HIS B 362 13.19 26.75 -8.20
C HIS B 362 12.02 27.01 -9.16
N HIS B 363 11.91 26.15 -10.16
CA HIS B 363 10.96 26.35 -11.27
C HIS B 363 10.52 24.98 -11.76
N ARG B 364 9.21 24.69 -11.62
CA ARG B 364 8.68 23.37 -11.88
C ARG B 364 8.84 22.95 -13.34
N THR B 365 8.37 23.80 -14.25
CA THR B 365 8.33 23.42 -15.66
C THR B 365 9.71 23.32 -16.29
N ALA B 366 10.63 24.20 -15.88
CA ALA B 366 11.98 24.11 -16.43
C ALA B 366 12.69 22.84 -15.93
N HIS B 367 12.35 22.40 -14.72
CA HIS B 367 12.96 21.19 -14.16
C HIS B 367 12.56 19.95 -14.96
N GLY B 368 11.27 19.77 -15.21
CA GLY B 368 10.81 18.70 -16.11
C GLY B 368 10.78 17.34 -15.44
N THR B 369 10.20 17.26 -14.25
CA THR B 369 10.08 15.97 -13.59
C THR B 369 8.89 15.18 -14.14
N TRP B 370 8.83 13.91 -13.78
CA TRP B 370 7.67 13.08 -14.09
C TRP B 370 7.08 12.46 -12.83
N LEU B 371 7.67 12.73 -11.67
CA LEU B 371 7.18 12.06 -10.46
C LEU B 371 6.98 12.88 -9.20
N ASP B 372 6.67 14.16 -9.38
CA ASP B 372 6.31 15.00 -8.24
C ASP B 372 7.40 14.96 -7.18
N LYS B 373 8.63 15.08 -7.68
CA LYS B 373 9.84 15.20 -6.86
C LYS B 373 10.76 16.31 -7.39
N ARG B 374 11.49 16.95 -6.48
CA ARG B 374 12.47 17.97 -6.88
C ARG B 374 13.83 17.34 -7.12
N ASP B 375 14.11 16.19 -6.51
CA ASP B 375 15.47 15.66 -6.58
C ASP B 375 15.70 14.79 -7.82
N ILE B 376 14.63 14.40 -8.50
CA ILE B 376 14.72 13.60 -9.71
C ILE B 376 13.83 14.28 -10.76
N PRO B 377 14.37 14.57 -11.95
CA PRO B 377 15.76 14.39 -12.34
C PRO B 377 16.74 15.29 -11.59
N GLU B 378 17.99 14.85 -11.43
CA GLU B 378 18.92 15.62 -10.62
C GLU B 378 19.43 16.88 -11.33
N LYS B 379 19.27 16.94 -12.65
CA LYS B 379 19.56 18.14 -13.43
C LYS B 379 18.27 18.62 -14.09
N HIS B 380 18.09 19.92 -14.25
CA HIS B 380 16.94 20.45 -14.99
C HIS B 380 17.02 19.98 -16.42
N ARG B 381 15.87 19.60 -16.99
CA ARG B 381 15.84 19.15 -18.38
C ARG B 381 15.77 20.31 -19.35
N HIS B 382 15.41 21.49 -18.84
CA HIS B 382 15.27 22.70 -19.65
C HIS B 382 16.05 23.90 -19.09
N VAL B 383 16.42 24.79 -20.00
CA VAL B 383 17.13 26.02 -19.66
C VAL B 383 16.18 27.21 -19.52
N LEU B 384 16.08 27.71 -18.29
CA LEU B 384 15.20 28.84 -18.02
C LEU B 384 15.95 30.13 -18.36
N TYR B 385 16.31 30.32 -19.63
CA TYR B 385 17.15 31.47 -19.97
C TYR B 385 16.62 32.80 -19.46
N GLY B 386 17.51 33.61 -18.88
CA GLY B 386 17.17 34.99 -18.56
C GLY B 386 16.59 35.19 -17.16
N ALA B 387 16.25 34.12 -16.45
CA ALA B 387 15.67 34.28 -15.11
C ALA B 387 16.70 34.82 -14.13
N LEU B 388 16.37 35.95 -13.50
CA LEU B 388 17.20 36.48 -12.42
C LEU B 388 16.78 35.75 -11.16
N VAL B 389 17.70 35.10 -10.46
CA VAL B 389 17.31 34.37 -9.25
C VAL B 389 17.23 35.28 -8.03
N GLY B 390 16.69 34.77 -6.92
CA GLY B 390 16.64 35.53 -5.66
C GLY B 390 17.99 36.17 -5.31
N GLY B 391 19.03 35.35 -5.29
CA GLY B 391 20.38 35.86 -5.07
C GLY B 391 20.96 35.49 -3.73
N PRO B 392 22.11 36.09 -3.39
CA PRO B 392 22.87 35.65 -2.22
C PRO B 392 22.29 36.23 -0.94
N GLY B 393 22.79 35.70 0.18
CA GLY B 393 22.49 36.32 1.46
C GLY B 393 23.25 37.61 1.72
N ARG B 394 23.03 38.17 2.91
CA ARG B 394 23.63 39.46 3.25
C ARG B 394 25.15 39.42 3.34
N ASP B 395 25.67 38.21 3.42
CA ASP B 395 27.12 37.98 3.46
C ASP B 395 27.67 37.50 2.12
N ASP B 396 26.91 37.72 1.04
CA ASP B 396 27.22 37.22 -0.31
C ASP B 396 27.17 35.69 -0.47
N SER B 397 26.66 34.94 0.51
CA SER B 397 26.67 33.46 0.46
C SER B 397 25.57 32.97 -0.47
N TYR B 398 25.85 31.89 -1.20
CA TYR B 398 24.88 31.36 -2.16
C TYR B 398 25.29 29.92 -2.48
N GLU B 399 24.29 29.05 -2.63
CA GLU B 399 24.47 27.71 -3.18
C GLU B 399 23.32 27.42 -4.13
N ASP B 400 23.65 26.83 -5.28
CA ASP B 400 22.66 26.57 -6.34
C ASP B 400 21.97 25.23 -6.03
N ASN B 401 20.74 25.32 -5.52
CA ASN B 401 20.02 24.19 -4.96
C ASN B 401 18.55 24.41 -5.27
N ILE B 402 17.93 23.41 -5.89
CA ILE B 402 16.53 23.51 -6.30
C ILE B 402 15.64 23.65 -5.06
N GLU B 403 16.11 23.14 -3.93
CA GLU B 403 15.33 23.24 -2.69
C GLU B 403 15.32 24.64 -2.09
N ASP B 404 16.28 25.47 -2.46
CA ASP B 404 16.36 26.81 -1.87
C ASP B 404 15.39 27.75 -2.59
N TYR B 405 14.15 27.80 -2.13
CA TYR B 405 13.15 28.64 -2.77
C TYR B 405 13.29 30.11 -2.38
N VAL B 406 14.34 30.44 -1.63
CA VAL B 406 14.66 31.85 -1.39
C VAL B 406 15.72 32.24 -2.41
N LYS B 407 16.90 31.62 -2.31
CA LYS B 407 18.01 32.12 -3.12
C LYS B 407 17.85 31.73 -4.58
N ASN B 408 17.18 30.61 -4.84
CA ASN B 408 16.93 30.20 -6.21
C ASN B 408 15.49 30.43 -6.68
N ALA B 409 14.76 31.29 -5.97
CA ALA B 409 13.45 31.75 -6.45
C ALA B 409 13.63 32.44 -7.80
N VAL B 410 12.63 32.37 -8.68
CA VAL B 410 12.57 33.18 -9.90
C VAL B 410 11.14 33.70 -10.01
N ALA B 411 10.92 34.83 -10.68
CA ALA B 411 9.55 35.34 -10.80
C ALA B 411 9.45 36.45 -11.85
N CYS B 412 8.22 36.65 -12.33
CA CYS B 412 7.93 37.77 -13.20
C CYS B 412 8.46 39.09 -12.65
N ASP B 413 8.18 39.37 -11.37
CA ASP B 413 8.57 40.67 -10.83
C ASP B 413 10.09 40.79 -10.63
N TYR B 414 10.77 39.66 -10.46
CA TYR B 414 12.22 39.71 -10.37
C TYR B 414 12.80 40.22 -11.70
N ASN B 415 12.22 39.79 -12.80
CA ASN B 415 12.78 40.15 -14.11
C ASN B 415 12.39 41.53 -14.64
N ALA B 416 11.38 42.16 -14.03
CA ALA B 416 10.70 43.28 -14.66
C ALA B 416 11.52 44.58 -14.65
N GLY B 417 11.91 45.06 -13.48
CA GLY B 417 12.79 46.22 -13.38
C GLY B 417 14.13 45.92 -14.04
N PHE B 418 14.56 44.67 -13.90
CA PHE B 418 15.82 44.20 -14.48
C PHE B 418 15.86 44.43 -16.00
N VAL B 419 14.76 44.09 -16.67
CA VAL B 419 14.69 44.34 -18.12
C VAL B 419 14.89 45.83 -18.44
N GLY B 420 14.21 46.70 -17.70
CA GLY B 420 14.39 48.14 -17.87
C GLY B 420 15.83 48.60 -17.71
N ALA B 421 16.49 48.14 -16.64
CA ALA B 421 17.90 48.49 -16.45
C ALA B 421 18.77 47.97 -17.58
N LEU B 422 18.51 46.74 -18.03
CA LEU B 422 19.24 46.20 -19.19
C LEU B 422 18.99 47.01 -20.44
N CYS B 423 17.76 47.49 -20.65
CA CYS B 423 17.50 48.39 -21.77
C CYS B 423 18.43 49.61 -21.75
N ARG B 424 18.59 50.21 -20.57
CA ARG B 424 19.39 51.42 -20.48
C ARG B 424 20.84 51.11 -20.81
N LEU B 425 21.30 49.96 -20.32
CA LEU B 425 22.70 49.60 -20.50
C LEU B 425 23.04 49.18 -21.93
N THR B 426 22.14 48.45 -22.57
CA THR B 426 22.26 48.10 -23.98
CA THR B 426 22.40 48.12 -23.96
C THR B 426 22.23 49.39 -24.81
N ALA B 427 21.36 50.31 -24.42
CA ALA B 427 21.26 51.60 -25.13
C ALA B 427 22.62 52.29 -25.15
N GLU B 428 23.33 52.22 -24.03
CA GLU B 428 24.62 52.89 -23.92
C GLU B 428 25.76 52.14 -24.58
N TYR B 429 25.83 50.82 -24.34
CA TYR B 429 27.02 50.04 -24.64
C TYR B 429 26.84 49.16 -25.87
N GLY B 430 25.62 49.10 -26.40
CA GLY B 430 25.33 48.26 -27.57
C GLY B 430 25.41 46.79 -27.21
N GLY B 431 26.06 46.00 -28.07
CA GLY B 431 26.18 44.57 -27.86
C GLY B 431 25.36 43.86 -28.92
N THR B 432 25.76 42.63 -29.22
CA THR B 432 25.14 41.85 -30.28
C THR B 432 24.35 40.73 -29.66
N PRO B 433 23.04 40.63 -29.96
CA PRO B 433 22.30 39.52 -29.35
C PRO B 433 22.75 38.20 -29.99
N LEU B 434 22.49 37.10 -29.32
CA LEU B 434 22.82 35.78 -29.85
C LEU B 434 21.99 35.43 -31.08
N ALA B 435 22.67 35.08 -32.15
CA ALA B 435 22.00 34.60 -33.36
C ALA B 435 21.48 33.19 -33.11
N ASN B 436 20.39 32.82 -33.76
CA ASN B 436 19.86 31.47 -33.61
C ASN B 436 19.59 31.09 -32.15
N PHE B 437 19.15 32.07 -31.36
CA PHE B 437 18.76 31.80 -29.97
C PHE B 437 17.25 31.58 -29.96
N PRO B 438 16.76 30.57 -29.22
CA PRO B 438 17.52 29.63 -28.40
C PRO B 438 17.99 28.41 -29.18
N PRO B 439 19.12 27.81 -28.78
CA PRO B 439 19.56 26.58 -29.44
C PRO B 439 18.71 25.39 -28.98
N PRO B 440 18.57 24.35 -29.81
CA PRO B 440 17.78 23.18 -29.41
C PRO B 440 18.39 22.42 -28.23
N GLU B 441 17.52 21.86 -27.38
CA GLU B 441 17.95 21.06 -26.24
C GLU B 441 18.14 19.62 -26.64
N GLN B 442 19.03 18.92 -25.94
CA GLN B 442 19.11 17.46 -25.99
C GLN B 442 17.86 16.89 -25.34
N ARG B 443 17.16 16.00 -26.06
CA ARG B 443 15.93 15.43 -25.52
C ARG B 443 16.13 13.98 -25.04
N ASP B 444 15.30 13.57 -24.10
CA ASP B 444 15.20 12.17 -23.66
C ASP B 444 14.00 11.52 -24.34
N ASP B 445 13.93 10.19 -24.29
CA ASP B 445 12.74 9.50 -24.78
C ASP B 445 11.56 9.85 -23.87
N GLU B 446 10.40 10.12 -24.47
CA GLU B 446 9.27 10.60 -23.69
C GLU B 446 8.16 9.58 -23.43
N PHE B 447 7.82 8.81 -24.44
CA PHE B 447 6.81 7.76 -24.34
C PHE B 447 7.47 6.46 -24.74
N PHE B 448 7.43 5.49 -23.85
CA PHE B 448 8.17 4.24 -24.08
C PHE B 448 7.71 3.20 -23.08
N VAL B 449 7.95 1.93 -23.43
CA VAL B 449 7.67 0.84 -22.50
C VAL B 449 8.95 0.47 -21.74
N GLU B 450 8.83 0.26 -20.43
CA GLU B 450 9.85 -0.47 -19.67
C GLU B 450 9.26 -1.85 -19.41
N ALA B 451 10.02 -2.90 -19.72
CA ALA B 451 9.50 -4.25 -19.52
C ALA B 451 10.51 -5.17 -18.85
N ALA B 452 9.99 -6.24 -18.26
CA ALA B 452 10.80 -7.30 -17.65
C ALA B 452 10.08 -8.62 -17.85
N ILE B 453 10.84 -9.71 -17.87
CA ILE B 453 10.23 -11.03 -17.85
C ILE B 453 9.81 -11.26 -16.41
N ASN B 454 8.50 -11.29 -16.20
CA ASN B 454 8.00 -11.40 -14.83
C ASN B 454 8.03 -12.86 -14.37
N GLN B 455 7.61 -13.76 -15.26
CA GLN B 455 7.63 -15.20 -15.02
C GLN B 455 7.78 -15.89 -16.36
N ALA B 456 8.38 -17.08 -16.36
CA ALA B 456 8.64 -17.81 -17.59
C ALA B 456 8.51 -19.30 -17.33
N SER B 457 8.02 -20.05 -18.31
CA SER B 457 8.05 -21.50 -18.20
C SER B 457 8.02 -22.11 -19.60
N ASP B 458 8.01 -23.43 -19.67
CA ASP B 458 8.07 -24.12 -20.95
C ASP B 458 6.78 -23.98 -21.76
N HIS B 459 5.75 -23.39 -21.17
CA HIS B 459 4.53 -23.16 -21.96
C HIS B 459 4.01 -21.73 -21.93
N PHE B 460 4.78 -20.82 -21.33
CA PHE B 460 4.42 -19.39 -21.30
C PHE B 460 5.51 -18.33 -21.13
N THR B 461 5.17 -17.13 -21.58
CA THR B 461 5.93 -15.92 -21.27
C THR B 461 5.00 -14.98 -20.52
N GLU B 462 5.46 -14.46 -19.39
CA GLU B 462 4.76 -13.39 -18.67
C GLU B 462 5.61 -12.13 -18.57
N ILE B 463 5.03 -11.02 -19.05
CA ILE B 463 5.76 -9.76 -19.13
C ILE B 463 5.19 -8.80 -18.10
N LYS B 464 6.06 -8.06 -17.42
CA LYS B 464 5.65 -6.88 -16.67
C LYS B 464 6.00 -5.68 -17.53
N ALA B 465 5.01 -4.88 -17.95
CA ALA B 465 5.25 -3.76 -18.85
C ALA B 465 4.71 -2.48 -18.21
N LEU B 466 5.55 -1.45 -18.16
CA LEU B 466 5.12 -0.12 -17.71
C LEU B 466 5.14 0.81 -18.89
N LEU B 467 3.97 1.28 -19.34
CA LEU B 467 3.90 2.27 -20.42
C LEU B 467 4.10 3.66 -19.80
N ASN B 468 5.22 4.29 -20.14
CA ASN B 468 5.62 5.61 -19.62
C ASN B 468 5.19 6.81 -20.43
N ASN B 469 4.80 7.86 -19.70
CA ASN B 469 4.73 9.23 -20.21
C ASN B 469 5.61 10.12 -19.33
N ARG B 470 6.85 10.32 -19.78
CA ARG B 470 7.77 11.27 -19.14
C ARG B 470 8.02 12.44 -20.09
N SER B 471 6.98 12.85 -20.79
CA SER B 471 7.13 13.92 -21.77
C SER B 471 7.58 15.23 -21.13
N SER B 472 8.32 16.03 -21.89
CA SER B 472 8.86 17.28 -21.39
C SER B 472 9.15 18.31 -22.47
N TRP B 473 9.03 17.92 -23.74
CA TRP B 473 9.33 18.83 -24.85
C TRP B 473 8.20 19.05 -25.86
N PRO B 474 7.06 19.60 -25.41
CA PRO B 474 6.70 19.92 -24.03
C PRO B 474 6.04 18.71 -23.38
N ALA B 475 5.89 18.76 -22.07
CA ALA B 475 5.00 17.82 -21.38
C ALA B 475 3.64 17.85 -22.06
N ARG B 476 3.05 16.68 -22.23
CA ARG B 476 1.78 16.58 -22.97
C ARG B 476 1.07 15.27 -22.65
N LEU B 477 -0.18 15.18 -23.14
CA LEU B 477 -1.05 14.06 -22.87
C LEU B 477 -1.43 13.45 -24.20
N ILE B 478 -1.51 12.12 -24.21
CA ILE B 478 -1.94 11.40 -25.38
C ILE B 478 -3.02 10.41 -24.93
N LYS B 479 -4.23 10.55 -25.46
CA LYS B 479 -5.32 9.65 -25.10
C LYS B 479 -5.21 8.26 -25.72
N ASP B 480 -4.94 8.20 -27.01
CA ASP B 480 -5.04 6.90 -27.71
C ASP B 480 -3.69 6.20 -27.73
N LEU B 481 -3.22 5.82 -26.55
CA LEU B 481 -1.94 5.16 -26.41
C LEU B 481 -2.11 3.65 -26.44
N SER B 482 -1.20 2.99 -27.14
CA SER B 482 -1.15 1.54 -27.20
C SER B 482 0.32 1.15 -27.38
N TYR B 483 0.62 -0.11 -27.07
CA TYR B 483 1.90 -0.70 -27.48
C TYR B 483 1.65 -2.13 -27.93
N ASN B 484 2.58 -2.64 -28.71
CA ASN B 484 2.46 -3.99 -29.26
C ASN B 484 3.54 -4.90 -28.71
N TYR B 485 3.18 -6.17 -28.55
CA TYR B 485 4.14 -7.20 -28.20
C TYR B 485 4.10 -8.21 -29.35
N TYR B 486 5.23 -8.32 -30.06
CA TYR B 486 5.32 -9.09 -31.31
C TYR B 486 5.93 -10.46 -31.01
N MET B 487 5.31 -11.49 -31.58
CA MET B 487 5.86 -12.83 -31.46
C MET B 487 5.94 -13.54 -32.80
N ASP B 488 6.77 -14.57 -32.81
CA ASP B 488 6.88 -15.49 -33.94
C ASP B 488 6.25 -16.82 -33.54
N LEU B 489 5.12 -17.18 -34.16
CA LEU B 489 4.41 -18.38 -33.74
C LEU B 489 4.78 -19.59 -34.59
N THR B 490 5.90 -19.47 -35.30
CA THR B 490 6.48 -20.58 -36.08
C THR B 490 6.40 -21.90 -35.30
N GLU B 491 6.94 -21.92 -34.09
CA GLU B 491 7.01 -23.16 -33.32
C GLU B 491 5.63 -23.72 -32.94
N VAL B 492 4.62 -22.85 -32.91
CA VAL B 492 3.26 -23.29 -32.61
C VAL B 492 2.67 -24.11 -33.77
N PHE B 493 2.76 -23.54 -34.97
CA PHE B 493 2.30 -24.24 -36.17
C PHE B 493 3.17 -25.47 -36.42
N GLU B 494 4.47 -25.32 -36.21
CA GLU B 494 5.45 -26.41 -36.29
C GLU B 494 5.06 -27.59 -35.40
N ALA B 495 4.37 -27.31 -34.30
CA ALA B 495 3.87 -28.34 -33.39
C ALA B 495 2.45 -28.79 -33.71
N GLY B 496 1.87 -28.24 -34.78
CA GLY B 496 0.51 -28.59 -35.19
C GLY B 496 -0.58 -27.95 -34.34
N TYR B 497 -0.23 -26.83 -33.70
CA TYR B 497 -1.19 -26.04 -32.93
C TYR B 497 -1.58 -24.77 -33.69
N SER B 498 -2.73 -24.19 -33.36
CA SER B 498 -3.15 -22.94 -33.98
C SER B 498 -3.10 -21.73 -33.04
N VAL B 499 -3.21 -20.54 -33.63
CA VAL B 499 -3.36 -19.29 -32.91
C VAL B 499 -4.42 -19.40 -31.82
N ASP B 500 -5.52 -20.10 -32.10
CA ASP B 500 -6.57 -20.26 -31.10
C ASP B 500 -6.19 -21.19 -29.95
N ASP B 501 -5.02 -21.82 -30.01
CA ASP B 501 -4.49 -22.58 -28.88
C ASP B 501 -3.62 -21.77 -27.90
N ILE B 502 -3.33 -20.52 -28.25
CA ILE B 502 -2.47 -19.66 -27.42
C ILE B 502 -3.39 -18.74 -26.62
N LYS B 503 -3.21 -18.70 -25.30
CA LYS B 503 -4.14 -18.03 -24.41
C LYS B 503 -3.50 -16.76 -23.87
N VAL B 504 -4.20 -15.64 -24.00
CA VAL B 504 -3.68 -14.40 -23.43
C VAL B 504 -4.42 -14.15 -22.13
N THR B 505 -3.65 -13.99 -21.05
CA THR B 505 -4.26 -13.70 -19.74
C THR B 505 -3.56 -12.50 -19.10
N ILE B 506 -4.12 -12.01 -18.00
CA ILE B 506 -3.53 -10.89 -17.28
C ILE B 506 -3.29 -11.31 -15.83
N GLY B 507 -2.17 -10.88 -15.27
CA GLY B 507 -1.79 -11.18 -13.89
C GLY B 507 -1.79 -9.98 -12.95
N TYR B 508 -1.85 -8.77 -13.52
CA TYR B 508 -1.97 -7.53 -12.75
C TYR B 508 -2.31 -6.41 -13.73
N CYS B 509 -3.30 -5.60 -13.39
CA CYS B 509 -3.76 -4.48 -14.23
C CYS B 509 -3.92 -3.33 -13.24
N GLU B 510 -3.07 -2.31 -13.31
CA GLU B 510 -3.10 -1.21 -12.36
C GLU B 510 -4.46 -0.53 -12.27
N SER B 511 -4.92 -0.31 -11.04
CA SER B 511 -6.23 0.29 -10.78
C SER B 511 -6.42 1.65 -11.47
N GLY B 512 -7.55 1.79 -12.16
CA GLY B 512 -7.91 3.08 -12.74
C GLY B 512 -7.41 3.29 -14.16
N MET B 513 -6.68 2.32 -14.69
CA MET B 513 -6.16 2.41 -16.05
C MET B 513 -6.98 1.49 -16.96
N ASP B 514 -8.05 2.03 -17.54
CA ASP B 514 -9.00 1.23 -18.35
C ASP B 514 -8.18 0.70 -19.52
N VAL B 515 -8.13 -0.63 -19.64
CA VAL B 515 -7.23 -1.26 -20.60
C VAL B 515 -7.93 -2.39 -21.34
N GLU B 516 -7.52 -2.56 -22.59
CA GLU B 516 -7.90 -3.74 -23.34
C GLU B 516 -6.68 -4.36 -24.02
N ILE B 517 -6.74 -5.66 -24.25
CA ILE B 517 -5.67 -6.33 -24.97
C ILE B 517 -6.35 -6.99 -26.17
N SER B 518 -5.82 -6.73 -27.35
CA SER B 518 -6.40 -7.30 -28.58
C SER B 518 -6.24 -8.82 -28.59
N PRO B 519 -7.06 -9.51 -29.40
CA PRO B 519 -6.72 -10.90 -29.68
C PRO B 519 -5.37 -10.90 -30.38
N ILE B 520 -4.74 -12.07 -30.41
CA ILE B 520 -3.52 -12.24 -31.18
C ILE B 520 -3.82 -11.98 -32.66
N THR B 521 -3.12 -11.00 -33.22
CA THR B 521 -3.41 -10.48 -34.55
C THR B 521 -2.23 -10.71 -35.49
N HIS B 522 -2.52 -11.14 -36.71
CA HIS B 522 -1.51 -11.44 -37.72
C HIS B 522 -0.86 -10.18 -38.29
N LEU B 523 0.47 -10.23 -38.45
CA LEU B 523 1.19 -9.14 -39.10
C LEU B 523 1.61 -9.52 -40.52
N TYR B 524 2.54 -10.46 -40.63
CA TYR B 524 2.99 -11.06 -41.89
C TYR B 524 3.68 -12.38 -41.53
N ASP B 525 3.77 -13.31 -42.49
CA ASP B 525 4.37 -14.63 -42.25
C ASP B 525 3.78 -15.27 -41.00
N ASN B 526 4.66 -15.78 -40.14
CA ASN B 526 4.28 -16.31 -38.83
C ASN B 526 4.39 -15.29 -37.70
N ILE B 527 4.42 -14.00 -38.03
CA ILE B 527 4.53 -12.95 -37.02
C ILE B 527 3.14 -12.42 -36.65
N TYR B 528 2.88 -12.42 -35.33
CA TYR B 528 1.61 -11.97 -34.77
C TYR B 528 1.91 -11.07 -33.57
N TYR B 529 0.88 -10.35 -33.10
CA TYR B 529 1.09 -9.43 -31.99
C TYR B 529 -0.18 -9.30 -31.19
N ILE B 530 -0.02 -8.85 -29.95
CA ILE B 530 -1.18 -8.37 -29.21
C ILE B 530 -0.96 -6.88 -29.04
N LYS B 531 -2.04 -6.12 -29.01
CA LYS B 531 -1.93 -4.70 -28.76
C LYS B 531 -2.56 -4.44 -27.39
N ILE B 532 -1.83 -3.71 -26.56
CA ILE B 532 -2.35 -3.28 -25.27
C ILE B 532 -2.76 -1.83 -25.49
N SER B 533 -4.04 -1.52 -25.34
CA SER B 533 -4.55 -0.18 -25.57
C SER B 533 -5.10 0.38 -24.29
N TYR B 534 -4.70 1.61 -23.95
CA TYR B 534 -5.32 2.33 -22.86
C TYR B 534 -6.44 3.23 -23.39
N ILE B 535 -7.65 3.02 -22.90
CA ILE B 535 -8.80 3.75 -23.41
C ILE B 535 -8.75 5.25 -23.11
N ASP B 536 -8.27 5.60 -21.90
CA ASP B 536 -7.97 6.99 -21.62
C ASP B 536 -6.50 7.12 -21.24
N GLY B 537 -5.66 7.14 -22.26
CA GLY B 537 -4.22 7.26 -22.07
C GLY B 537 -3.78 8.55 -21.41
N THR B 538 -4.65 9.55 -21.30
CA THR B 538 -4.28 10.80 -20.61
C THR B 538 -4.06 10.57 -19.12
N ASN B 539 -4.58 9.46 -18.59
CA ASN B 539 -4.28 9.10 -17.22
C ASN B 539 -2.86 8.55 -17.04
N ILE B 540 -2.11 8.38 -18.12
CA ILE B 540 -0.67 8.12 -18.05
C ILE B 540 0.00 9.47 -18.30
N CYS B 541 0.55 10.06 -17.26
CA CYS B 541 1.03 11.45 -17.30
C CYS B 541 2.07 11.73 -16.22
N PRO B 542 2.99 12.68 -16.49
CA PRO B 542 4.10 12.91 -15.59
C PRO B 542 3.75 13.78 -14.38
N ILE B 543 2.84 13.28 -13.54
CA ILE B 543 2.31 14.05 -12.43
C ILE B 543 2.62 13.43 -11.08
N GLY B 544 3.32 12.31 -11.04
CA GLY B 544 3.48 11.61 -9.77
C GLY B 544 4.07 10.22 -9.94
N GLN B 545 4.51 9.66 -8.82
CA GLN B 545 5.10 8.32 -8.79
C GLN B 545 4.17 7.24 -9.36
N GLU B 546 2.87 7.39 -9.12
CA GLU B 546 1.95 6.35 -9.55
C GLU B 546 1.42 6.58 -10.96
N GLN B 547 1.42 7.82 -11.44
CA GLN B 547 0.74 8.12 -12.70
CA GLN B 547 0.75 8.16 -12.69
C GLN B 547 1.62 8.14 -13.94
N TYR B 548 2.94 8.26 -13.79
CA TYR B 548 3.76 8.44 -14.99
C TYR B 548 3.86 7.18 -15.83
N ALA B 549 3.54 6.03 -15.24
CA ALA B 549 3.56 4.80 -16.04
C ALA B 549 2.36 3.95 -15.65
N ALA B 550 1.80 3.25 -16.64
CA ALA B 550 0.75 2.28 -16.34
C ALA B 550 1.35 0.87 -16.35
N GLU B 551 1.15 0.12 -15.27
CA GLU B 551 1.69 -1.24 -15.16
C GLU B 551 0.65 -2.29 -15.57
N LEU B 552 1.05 -3.19 -16.45
CA LEU B 552 0.25 -4.36 -16.80
C LEU B 552 1.18 -5.58 -16.75
N GLN B 553 0.70 -6.67 -16.15
CA GLN B 553 1.38 -7.95 -16.28
C GLN B 553 0.51 -8.86 -17.16
N PHE B 554 1.04 -9.23 -18.33
CA PHE B 554 0.27 -10.11 -19.21
C PHE B 554 1.03 -11.41 -19.47
N ARG B 555 0.28 -12.48 -19.68
CA ARG B 555 0.85 -13.79 -19.94
C ARG B 555 0.30 -14.32 -21.25
N ILE B 556 1.21 -14.87 -22.07
CA ILE B 556 0.82 -15.48 -23.34
C ILE B 556 1.25 -16.94 -23.19
N ALA B 557 0.28 -17.85 -23.30
CA ALA B 557 0.50 -19.24 -22.92
C ALA B 557 0.02 -20.24 -23.97
N ALA B 558 0.92 -21.17 -24.27
CA ALA B 558 0.56 -22.41 -24.93
C ALA B 558 -0.15 -23.30 -23.90
N PRO B 559 -0.77 -24.43 -24.32
CA PRO B 559 -1.44 -25.25 -23.33
C PRO B 559 -0.49 -25.83 -22.27
N GLN B 560 -0.95 -25.95 -21.04
CA GLN B 560 -0.12 -26.45 -19.94
C GLN B 560 0.31 -27.86 -20.30
N GLY B 561 1.55 -28.22 -19.96
CA GLY B 561 2.12 -29.49 -20.37
C GLY B 561 2.95 -29.48 -21.64
N THR B 562 2.57 -28.66 -22.62
CA THR B 562 3.29 -28.58 -23.88
C THR B 562 4.73 -28.05 -23.73
N LYS B 563 5.55 -28.27 -24.75
CA LYS B 563 7.00 -28.02 -24.66
C LYS B 563 7.55 -27.19 -25.81
N PHE B 564 6.69 -26.84 -26.77
CA PHE B 564 7.14 -26.11 -27.95
C PHE B 564 7.35 -24.61 -27.79
N TRP B 565 6.72 -23.96 -26.81
CA TRP B 565 6.76 -22.50 -26.71
C TRP B 565 8.17 -21.91 -26.77
N ASP B 566 8.39 -21.03 -27.74
CA ASP B 566 9.71 -20.42 -27.96
C ASP B 566 9.71 -18.89 -28.08
N PRO B 567 9.92 -18.22 -26.93
CA PRO B 567 10.00 -16.78 -26.83
C PRO B 567 11.24 -16.21 -27.51
N THR B 568 12.28 -17.03 -27.71
CA THR B 568 13.55 -16.50 -28.22
C THR B 568 13.54 -16.08 -29.69
N ASN B 569 12.51 -16.46 -30.44
CA ASN B 569 12.33 -15.90 -31.77
C ASN B 569 11.29 -14.78 -31.80
N ASP B 570 10.85 -14.37 -30.61
CA ASP B 570 9.84 -13.31 -30.54
C ASP B 570 10.55 -11.96 -30.54
N PHE B 571 10.18 -11.12 -31.50
CA PHE B 571 10.76 -9.79 -31.66
C PHE B 571 10.73 -9.00 -30.33
N SER B 572 9.57 -8.97 -29.68
CA SER B 572 9.43 -8.12 -28.49
C SER B 572 10.13 -8.68 -27.25
N TYR B 573 10.62 -9.92 -27.34
CA TYR B 573 11.32 -10.56 -26.23
C TYR B 573 12.79 -10.16 -26.14
N GLN B 574 13.34 -9.63 -27.24
CA GLN B 574 14.76 -9.35 -27.37
C GLN B 574 15.34 -8.44 -26.29
N GLY B 575 16.43 -8.88 -25.68
CA GLY B 575 17.07 -8.11 -24.61
C GLY B 575 16.40 -8.04 -23.26
N LEU B 576 15.21 -8.61 -23.12
CA LEU B 576 14.49 -8.50 -21.84
C LEU B 576 15.21 -9.35 -20.81
N THR B 577 15.25 -8.84 -19.59
CA THR B 577 15.84 -9.54 -18.46
C THR B 577 14.75 -9.60 -17.38
N ARG B 578 15.16 -9.99 -16.17
CA ARG B 578 14.23 -10.02 -15.05
C ARG B 578 14.08 -8.67 -14.36
N GLU B 579 14.87 -7.68 -14.79
CA GLU B 579 14.80 -6.34 -14.23
C GLU B 579 14.14 -5.40 -15.23
N LEU B 580 13.30 -4.48 -14.76
CA LEU B 580 12.62 -3.55 -15.65
C LEU B 580 13.62 -2.69 -16.40
N ALA B 581 13.44 -2.59 -17.72
CA ALA B 581 14.28 -1.74 -18.56
C ALA B 581 13.52 -1.23 -19.76
N LYS B 582 13.83 -0.01 -20.20
CA LYS B 582 13.26 0.54 -21.42
C LYS B 582 13.55 -0.43 -22.56
N THR B 583 12.56 -0.70 -23.39
CA THR B 583 12.79 -1.51 -24.58
C THR B 583 12.26 -0.86 -25.85
N LYS B 584 13.08 -0.87 -26.90
CA LYS B 584 12.58 -0.37 -28.19
C LYS B 584 11.74 -1.36 -28.97
N TYR B 585 11.60 -2.59 -28.47
CA TYR B 585 10.93 -3.65 -29.23
C TYR B 585 9.47 -3.86 -28.88
N MET B 586 8.95 -3.04 -27.97
CA MET B 586 7.52 -2.99 -27.70
C MET B 586 7.09 -1.57 -28.06
N PRO B 587 6.91 -1.31 -29.36
CA PRO B 587 6.75 0.06 -29.83
C PRO B 587 5.47 0.70 -29.33
N VAL B 588 5.51 2.03 -29.19
CA VAL B 588 4.38 2.78 -28.67
C VAL B 588 3.73 3.53 -29.82
N PHE B 589 2.40 3.62 -29.77
CA PHE B 589 1.60 4.31 -30.79
C PHE B 589 0.63 5.33 -30.20
N ASP B 590 0.50 6.46 -30.91
CA ASP B 590 -0.54 7.46 -30.65
C ASP B 590 -1.52 7.23 -31.80
N GLY B 591 -2.70 6.68 -31.51
CA GLY B 591 -3.57 6.18 -32.59
C GLY B 591 -2.79 5.16 -33.41
N ALA B 592 -2.75 5.34 -34.73
CA ALA B 592 -2.03 4.41 -35.60
C ALA B 592 -0.57 4.77 -35.85
N THR B 593 -0.12 5.90 -35.34
CA THR B 593 1.23 6.40 -35.61
C THR B 593 2.20 5.93 -34.54
N LYS B 594 3.26 5.22 -34.96
CA LYS B 594 4.33 4.87 -34.04
C LYS B 594 5.06 6.12 -33.55
N ILE B 595 5.20 6.26 -32.23
CA ILE B 595 5.93 7.37 -31.64
C ILE B 595 7.23 6.95 -30.93
N PHE B 596 7.42 5.65 -30.74
CA PHE B 596 8.70 5.15 -30.21
C PHE B 596 8.88 3.69 -30.56
N GLY B 597 10.13 3.30 -30.82
CA GLY B 597 10.49 1.91 -30.96
C GLY B 597 10.53 1.37 -32.39
N GLU B 598 10.66 0.05 -32.49
CA GLU B 598 10.80 -0.64 -33.78
C GLU B 598 9.76 -1.76 -33.96
N VAL B 599 9.48 -2.10 -35.21
CA VAL B 599 8.47 -3.07 -35.62
C VAL B 599 9.18 -4.12 -36.47
N PRO B 600 8.83 -5.41 -36.32
CA PRO B 600 9.52 -6.45 -37.09
C PRO B 600 9.48 -6.13 -38.58
N GLY B 601 10.62 -6.31 -39.24
CA GLY B 601 10.73 -6.08 -40.67
C GLY B 601 10.56 -4.64 -41.09
N GLY B 602 10.66 -3.71 -40.14
CA GLY B 602 10.46 -2.29 -40.40
C GLY B 602 9.02 -1.99 -40.75
#